data_7U0E
#
_entry.id   7U0E
#
_cell.length_a   63.898
_cell.length_b   65.682
_cell.length_c   71.001
_cell.angle_alpha   96.500
_cell.angle_beta   108.060
_cell.angle_gamma   110.520
#
_symmetry.space_group_name_H-M   'P 1'
#
loop_
_entity.id
_entity.type
_entity.pdbx_description
1 polymer 'Heavy chain Fab C13C9'
2 polymer 'Light chain Fab C13C9'
3 polymer 'SARS-CoV-2 S fusion peptide'
4 water water
#
loop_
_entity_poly.entity_id
_entity_poly.type
_entity_poly.pdbx_seq_one_letter_code
_entity_poly.pdbx_strand_id
1 'polypeptide(L)'
;EVQLVQSGPEVKKPGTSARVSCKASGFTSKNTALQWVRQARGQPLEWMGWIDISNYITNYAQKFRGRLTITWDLSASMAY
MELSSLRSEDTAVYYCAAVGKDDDVLTGGNKYFDHWGQGTLVTVSSASTKGPSVFPLAPSSKSTSGGTAALGCLVKDYFP
EPVTVSWNSGALTSGVHTFPAVLQSSGLYSLSSVVTVPSSSLGTQTYICNVNHKPSNTKVDKRVEPKSC
;
A,H
2 'polypeptide(L)'
;SYELTQPPSVSVSPGQTARITCSGDALPKKYAYWYQQKSGQAPVLVIHEDDKRPSGIPGRFSASSSGTTATLTISGAQVE
DEADYYCYSTDTNDNHAFGSGTKLTVLSQPKANPTVTLFPPSSEELQANKATLVCLISDFYPGAVTVAWKADSSPVKAGV
ETTTPSKQSNNKYAASSYLSLTPEQWKSHRSYSCQVTHEGSTVEKTVAPTECS
;
B,L
3 'polypeptide(L)' PKRSFIEDLLFNK C,D
#
# COMPACT_ATOMS: atom_id res chain seq x y z
N GLU A 1 14.51 24.30 9.39
CA GLU A 1 15.27 23.07 9.54
C GLU A 1 15.69 22.53 8.17
N VAL A 2 16.67 21.63 8.17
CA VAL A 2 17.14 21.01 6.93
C VAL A 2 16.13 19.97 6.47
N GLN A 3 16.07 19.76 5.15
CA GLN A 3 15.18 18.76 4.58
C GLN A 3 15.88 18.08 3.41
N LEU A 4 15.61 16.79 3.25
CA LEU A 4 16.02 16.02 2.08
C LEU A 4 14.80 15.30 1.55
N VAL A 5 14.40 15.62 0.33
CA VAL A 5 13.21 15.03 -0.28
C VAL A 5 13.59 14.47 -1.64
N GLN A 6 13.44 13.16 -1.79
CA GLN A 6 13.81 12.48 -3.02
C GLN A 6 12.61 12.31 -3.94
N SER A 7 12.91 12.08 -5.22
CA SER A 7 11.86 11.82 -6.20
C SER A 7 11.26 10.44 -5.98
N GLY A 8 10.10 10.22 -6.59
CA GLY A 8 9.34 9.01 -6.37
C GLY A 8 9.92 7.81 -7.08
N PRO A 9 9.34 6.63 -6.82
CA PRO A 9 9.86 5.40 -7.42
C PRO A 9 9.73 5.42 -8.93
N GLU A 10 10.59 4.66 -9.60
CA GLU A 10 10.57 4.59 -11.05
C GLU A 10 10.94 3.19 -11.51
N VAL A 11 10.24 2.72 -12.54
CA VAL A 11 10.58 1.50 -13.25
C VAL A 11 11.36 1.88 -14.49
N LYS A 12 12.51 1.23 -14.70
CA LYS A 12 13.39 1.53 -15.83
C LYS A 12 13.70 0.23 -16.57
N LYS A 13 13.79 0.32 -17.88
CA LYS A 13 14.16 -0.87 -18.63
C LYS A 13 15.68 -1.06 -18.62
N PRO A 14 16.15 -2.30 -18.75
CA PRO A 14 17.60 -2.53 -18.85
C PRO A 14 18.20 -1.74 -20.01
N GLY A 15 19.40 -1.20 -19.78
CA GLY A 15 20.10 -0.42 -20.77
C GLY A 15 19.84 1.08 -20.70
N THR A 16 18.76 1.50 -20.04
CA THR A 16 18.46 2.92 -19.92
C THR A 16 19.22 3.52 -18.74
N SER A 17 18.99 4.81 -18.50
CA SER A 17 19.63 5.53 -17.40
C SER A 17 18.58 6.00 -16.43
N ALA A 18 18.88 5.88 -15.14
CA ALA A 18 18.01 6.32 -14.07
C ALA A 18 18.54 7.63 -13.51
N ARG A 19 17.64 8.61 -13.36
CA ARG A 19 17.94 9.88 -12.71
C ARG A 19 17.11 9.99 -11.44
N VAL A 20 17.77 10.21 -10.31
CA VAL A 20 17.12 10.38 -9.03
C VAL A 20 17.46 11.76 -8.48
N SER A 21 16.45 12.50 -8.03
CA SER A 21 16.65 13.85 -7.53
C SER A 21 16.55 13.86 -6.01
N CYS A 22 17.21 14.85 -5.40
N CYS A 22 17.16 14.89 -5.42
CA CYS A 22 17.20 15.00 -3.95
CA CYS A 22 17.27 15.03 -3.97
C CYS A 22 17.25 16.50 -3.66
C CYS A 22 17.27 16.53 -3.65
N LYS A 23 16.13 17.05 -3.22
CA LYS A 23 16.05 18.46 -2.86
C LYS A 23 16.61 18.62 -1.45
N ALA A 24 17.71 19.36 -1.34
CA ALA A 24 18.45 19.54 -0.09
C ALA A 24 18.30 20.99 0.34
N SER A 25 17.45 21.24 1.33
CA SER A 25 17.12 22.58 1.77
C SER A 25 17.79 22.87 3.12
N GLY A 26 18.36 24.06 3.25
CA GLY A 26 18.88 24.52 4.53
C GLY A 26 20.32 24.18 4.81
N PHE A 27 21.09 23.72 3.83
CA PHE A 27 22.48 23.33 4.03
C PHE A 27 23.37 24.46 3.55
N THR A 28 23.82 25.29 4.49
CA THR A 28 24.64 26.46 4.17
C THR A 28 26.08 26.35 4.66
N SER A 29 26.44 25.28 5.35
CA SER A 29 27.82 25.11 5.77
C SER A 29 28.72 24.78 4.58
N LYS A 30 29.91 25.39 4.55
CA LYS A 30 30.84 25.17 3.45
C LYS A 30 31.27 23.71 3.38
N ASN A 31 31.37 23.03 4.51
CA ASN A 31 31.81 21.64 4.54
C ASN A 31 30.59 20.72 4.56
N THR A 32 29.91 20.68 3.42
CA THR A 32 28.75 19.82 3.23
C THR A 32 28.94 18.98 1.99
N ALA A 33 28.73 17.68 2.13
CA ALA A 33 28.75 16.75 1.02
C ALA A 33 27.40 16.07 0.90
N LEU A 34 26.94 15.90 -0.34
N LEU A 34 26.94 15.90 -0.34
CA LEU A 34 25.74 15.13 -0.64
CA LEU A 34 25.73 15.13 -0.62
C LEU A 34 26.17 13.81 -1.24
C LEU A 34 26.16 13.81 -1.25
N GLN A 35 25.85 12.72 -0.57
CA GLN A 35 26.26 11.39 -0.99
C GLN A 35 25.06 10.55 -1.42
N TRP A 36 25.35 9.53 -2.21
CA TRP A 36 24.34 8.61 -2.70
C TRP A 36 24.71 7.20 -2.25
N VAL A 37 23.74 6.50 -1.69
CA VAL A 37 23.92 5.18 -1.11
C VAL A 37 22.74 4.33 -1.55
N ARG A 38 23.02 3.12 -2.04
CA ARG A 38 21.95 2.24 -2.47
C ARG A 38 21.92 0.97 -1.63
N GLN A 39 20.79 0.28 -1.68
CA GLN A 39 20.59 -0.93 -0.90
C GLN A 39 19.58 -1.82 -1.61
N ALA A 40 20.05 -2.96 -2.09
CA ALA A 40 19.15 -3.96 -2.64
C ALA A 40 18.47 -4.73 -1.51
N ARG A 41 17.38 -5.41 -1.85
CA ARG A 41 16.57 -6.12 -0.86
C ARG A 41 17.43 -7.09 -0.07
N GLY A 42 17.42 -6.94 1.26
CA GLY A 42 18.19 -7.81 2.13
C GLY A 42 19.69 -7.64 2.04
N GLN A 43 20.18 -6.67 1.29
CA GLN A 43 21.60 -6.46 1.07
C GLN A 43 22.11 -5.31 1.92
N PRO A 44 23.42 -5.20 2.09
CA PRO A 44 23.97 -4.08 2.88
C PRO A 44 23.90 -2.76 2.14
N LEU A 45 24.07 -1.69 2.90
CA LEU A 45 24.23 -0.37 2.32
C LEU A 45 25.48 -0.35 1.45
N GLU A 46 25.39 0.33 0.31
CA GLU A 46 26.50 0.42 -0.63
C GLU A 46 26.74 1.88 -0.97
N TRP A 47 27.88 2.42 -0.55
CA TRP A 47 28.22 3.81 -0.84
C TRP A 47 28.58 3.94 -2.32
N MET A 48 27.89 4.83 -3.02
CA MET A 48 28.10 5.00 -4.45
C MET A 48 29.01 6.18 -4.77
N GLY A 49 28.85 7.30 -4.07
CA GLY A 49 29.67 8.46 -4.32
C GLY A 49 29.10 9.65 -3.59
N TRP A 50 29.81 10.77 -3.71
CA TRP A 50 29.33 12.01 -3.11
C TRP A 50 29.85 13.19 -3.92
N ILE A 51 29.29 14.36 -3.64
CA ILE A 51 29.76 15.62 -4.22
C ILE A 51 29.90 16.64 -3.11
N ASP A 52 31.03 17.35 -3.10
CA ASP A 52 31.21 18.50 -2.22
C ASP A 52 30.44 19.65 -2.84
N ILE A 53 29.33 20.06 -2.21
CA ILE A 53 28.46 21.04 -2.85
C ILE A 53 29.00 22.47 -2.79
N SER A 54 30.14 22.69 -2.16
CA SER A 54 30.73 24.02 -2.20
C SER A 54 31.63 24.22 -3.41
N ASN A 55 32.27 23.14 -3.89
CA ASN A 55 33.21 23.25 -5.00
C ASN A 55 32.98 22.18 -6.07
N TYR A 56 31.92 21.37 -5.93
CA TYR A 56 31.47 20.40 -6.92
C TYR A 56 32.47 19.28 -7.18
N ILE A 57 33.42 19.06 -6.26
CA ILE A 57 34.34 17.95 -6.42
C ILE A 57 33.62 16.65 -6.07
N THR A 58 33.66 15.69 -7.00
CA THR A 58 32.98 14.42 -6.82
C THR A 58 33.97 13.32 -6.45
N ASN A 59 33.43 12.27 -5.85
CA ASN A 59 34.18 11.05 -5.55
C ASN A 59 33.24 9.90 -5.81
N TYR A 60 33.51 9.12 -6.86
CA TYR A 60 32.70 7.97 -7.22
C TYR A 60 33.40 6.69 -6.79
N ALA A 61 32.63 5.78 -6.20
CA ALA A 61 33.16 4.46 -5.87
C ALA A 61 33.61 3.74 -7.13
N GLN A 62 34.64 2.91 -6.99
CA GLN A 62 35.29 2.30 -8.14
C GLN A 62 34.29 1.50 -8.98
N LYS A 63 33.37 0.81 -8.31
CA LYS A 63 32.42 -0.06 -9.00
C LYS A 63 31.47 0.71 -9.91
N PHE A 64 31.28 2.02 -9.68
CA PHE A 64 30.34 2.81 -10.45
C PHE A 64 31.00 3.80 -11.41
N ARG A 65 32.32 3.88 -11.42
CA ARG A 65 32.99 4.82 -12.32
C ARG A 65 32.72 4.46 -13.77
N GLY A 66 32.35 5.47 -14.56
CA GLY A 66 31.93 5.26 -15.92
C GLY A 66 30.45 5.10 -16.12
N ARG A 67 29.69 4.86 -15.05
CA ARG A 67 28.25 4.74 -15.10
C ARG A 67 27.50 5.76 -14.26
N LEU A 68 28.18 6.43 -13.33
CA LEU A 68 27.52 7.25 -12.33
C LEU A 68 27.96 8.70 -12.46
N THR A 69 26.99 9.60 -12.38
CA THR A 69 27.24 11.03 -12.32
C THR A 69 26.45 11.61 -11.17
N ILE A 70 27.10 12.41 -10.34
CA ILE A 70 26.45 13.11 -9.24
C ILE A 70 26.60 14.60 -9.48
N THR A 71 25.49 15.32 -9.48
CA THR A 71 25.50 16.74 -9.77
C THR A 71 24.79 17.50 -8.66
N TRP A 72 25.17 18.76 -8.51
CA TRP A 72 24.55 19.68 -7.57
C TRP A 72 24.11 20.91 -8.34
N ASP A 73 22.83 21.23 -8.27
CA ASP A 73 22.27 22.41 -8.92
C ASP A 73 21.99 23.41 -7.81
N LEU A 74 22.91 24.36 -7.63
CA LEU A 74 22.80 25.32 -6.54
C LEU A 74 21.53 26.14 -6.66
N SER A 75 21.21 26.62 -7.87
CA SER A 75 20.06 27.50 -8.06
C SER A 75 18.76 26.83 -7.66
N ALA A 76 18.65 25.51 -7.83
CA ALA A 76 17.44 24.78 -7.46
C ALA A 76 17.56 24.03 -6.15
N SER A 77 18.72 24.09 -5.47
CA SER A 77 18.96 23.34 -4.25
C SER A 77 18.68 21.85 -4.46
N MET A 78 19.03 21.35 -5.64
CA MET A 78 18.71 20.00 -6.07
C MET A 78 19.99 19.23 -6.32
N ALA A 79 20.09 18.06 -5.71
CA ALA A 79 21.14 17.10 -6.04
C ALA A 79 20.55 16.02 -6.93
N TYR A 80 21.39 15.49 -7.82
CA TYR A 80 20.99 14.40 -8.71
C TYR A 80 22.06 13.32 -8.74
N MET A 81 21.61 12.09 -8.93
CA MET A 81 22.46 10.99 -9.34
C MET A 81 21.92 10.45 -10.66
N GLU A 82 22.80 10.11 -11.58
CA GLU A 82 22.41 9.48 -12.83
C GLU A 82 23.23 8.22 -13.02
N LEU A 83 22.54 7.07 -13.09
CA LEU A 83 23.16 5.78 -13.26
C LEU A 83 22.74 5.21 -14.61
N SER A 84 23.71 5.05 -15.52
CA SER A 84 23.45 4.63 -16.88
C SER A 84 23.68 3.13 -17.05
N SER A 85 23.32 2.64 -18.23
CA SER A 85 23.46 1.22 -18.58
C SER A 85 22.92 0.32 -17.47
N LEU A 86 21.68 0.61 -17.06
CA LEU A 86 21.08 -0.10 -15.93
C LEU A 86 21.00 -1.59 -16.21
N ARG A 87 21.23 -2.39 -15.18
CA ARG A 87 21.07 -3.83 -15.25
C ARG A 87 20.11 -4.27 -14.15
N SER A 88 19.71 -5.54 -14.22
CA SER A 88 18.79 -6.10 -13.24
C SER A 88 19.31 -5.92 -11.82
N GLU A 89 20.61 -6.14 -11.61
CA GLU A 89 21.21 -6.02 -10.29
C GLU A 89 21.19 -4.60 -9.74
N ASP A 90 20.95 -3.60 -10.60
CA ASP A 90 20.82 -2.22 -10.11
C ASP A 90 19.50 -1.94 -9.41
N THR A 91 18.55 -2.88 -9.41
CA THR A 91 17.32 -2.70 -8.63
C THR A 91 17.66 -2.56 -7.15
N ALA A 92 17.28 -1.42 -6.57
CA ALA A 92 17.62 -1.13 -5.18
C ALA A 92 16.89 0.13 -4.75
N VAL A 93 16.93 0.40 -3.45
CA VAL A 93 16.54 1.69 -2.91
C VAL A 93 17.78 2.58 -2.92
N TYR A 94 17.65 3.76 -3.51
CA TYR A 94 18.74 4.71 -3.61
C TYR A 94 18.49 5.86 -2.65
N TYR A 95 19.46 6.12 -1.77
CA TYR A 95 19.34 7.15 -0.75
C TYR A 95 20.27 8.32 -1.05
N CYS A 96 19.79 9.53 -0.81
N CYS A 96 19.80 9.52 -0.72
CA CYS A 96 20.69 10.67 -0.70
CA CYS A 96 20.60 10.73 -0.69
C CYS A 96 20.91 10.95 0.78
C CYS A 96 20.84 11.12 0.77
N ALA A 97 22.06 11.54 1.09
CA ALA A 97 22.39 11.90 2.45
C ALA A 97 23.33 13.09 2.46
N ALA A 98 23.11 13.99 3.41
CA ALA A 98 23.96 15.15 3.62
C ALA A 98 24.82 14.93 4.86
N VAL A 99 26.13 15.07 4.69
CA VAL A 99 27.09 14.89 5.77
C VAL A 99 28.07 16.05 5.77
N GLY A 100 28.67 16.31 6.92
CA GLY A 100 29.65 17.36 7.05
C GLY A 100 29.69 17.87 8.48
N LYS A 101 30.31 19.03 8.65
CA LYS A 101 30.44 19.65 9.96
C LYS A 101 29.95 21.09 9.91
N ASP A 102 29.28 21.50 10.98
CA ASP A 102 28.84 22.87 11.16
C ASP A 102 29.75 23.57 12.16
N ASP A 103 29.94 24.87 11.94
CA ASP A 103 30.51 25.73 12.97
C ASP A 103 29.42 26.01 13.98
N ASP A 104 29.50 25.37 15.14
CA ASP A 104 28.48 25.53 16.18
C ASP A 104 28.79 26.78 16.99
N VAL A 105 28.16 27.90 16.63
CA VAL A 105 28.38 29.16 17.33
C VAL A 105 27.85 29.13 18.75
N LEU A 106 26.95 28.20 19.07
CA LEU A 106 26.42 28.11 20.42
C LEU A 106 27.49 27.67 21.41
N THR A 107 28.14 26.54 21.14
CA THR A 107 29.17 26.01 22.02
C THR A 107 30.57 26.52 21.67
N GLY A 108 30.74 27.08 20.47
CA GLY A 108 32.06 27.48 20.00
C GLY A 108 32.86 26.37 19.37
N GLY A 109 32.30 25.16 19.23
CA GLY A 109 32.97 24.06 18.63
C GLY A 109 32.39 23.71 17.27
N ASN A 110 32.69 22.49 16.82
CA ASN A 110 32.15 21.97 15.57
C ASN A 110 31.18 20.84 15.86
N LYS A 111 30.19 20.66 14.98
CA LYS A 111 29.20 19.60 15.12
C LYS A 111 29.09 18.86 13.79
N TYR A 112 29.35 17.56 13.82
CA TYR A 112 29.07 16.72 12.67
C TYR A 112 27.56 16.57 12.50
N PHE A 113 27.10 16.65 11.25
CA PHE A 113 25.70 16.44 10.94
C PHE A 113 25.55 15.33 9.92
N ASP A 114 24.35 14.73 9.89
CA ASP A 114 24.12 13.48 9.17
C ASP A 114 22.62 13.37 8.95
N HIS A 115 22.18 13.59 7.71
CA HIS A 115 20.76 13.58 7.37
C HIS A 115 20.54 12.74 6.12
N TRP A 116 19.41 12.06 6.06
CA TRP A 116 19.12 11.11 4.99
C TRP A 116 17.77 11.39 4.35
N GLY A 117 17.70 11.23 3.03
CA GLY A 117 16.43 11.25 2.34
C GLY A 117 15.62 10.00 2.65
N GLN A 118 14.38 10.00 2.14
CA GLN A 118 13.49 8.86 2.38
C GLN A 118 13.80 7.67 1.50
N GLY A 119 14.63 7.83 0.48
CA GLY A 119 14.93 6.73 -0.41
C GLY A 119 14.05 6.72 -1.64
N THR A 120 14.60 6.19 -2.74
CA THR A 120 13.90 6.09 -4.02
C THR A 120 14.12 4.69 -4.57
N LEU A 121 13.04 3.95 -4.76
CA LEU A 121 13.11 2.60 -5.31
C LEU A 121 13.21 2.67 -6.83
N VAL A 122 14.33 2.21 -7.38
CA VAL A 122 14.53 2.09 -8.82
C VAL A 122 14.43 0.61 -9.17
N THR A 123 13.42 0.25 -9.96
CA THR A 123 13.19 -1.12 -10.37
C THR A 123 13.60 -1.26 -11.83
N VAL A 124 14.60 -2.09 -12.10
CA VAL A 124 15.11 -2.30 -13.45
C VAL A 124 14.48 -3.59 -13.98
N SER A 125 13.59 -3.45 -14.94
CA SER A 125 12.89 -4.60 -15.51
C SER A 125 12.33 -4.23 -16.86
N SER A 126 12.40 -5.15 -17.81
CA SER A 126 11.84 -4.96 -19.13
C SER A 126 10.39 -5.40 -19.20
N ALA A 127 9.81 -5.85 -18.09
CA ALA A 127 8.51 -6.48 -18.11
C ALA A 127 7.40 -5.46 -18.35
N SER A 128 6.33 -5.92 -18.99
CA SER A 128 5.07 -5.20 -19.05
C SER A 128 4.13 -5.77 -17.99
N THR A 129 2.99 -5.10 -17.82
CA THR A 129 2.01 -5.56 -16.86
C THR A 129 1.60 -7.00 -17.18
N LYS A 130 1.71 -7.87 -16.18
CA LYS A 130 1.46 -9.28 -16.39
C LYS A 130 0.84 -9.88 -15.13
N GLY A 131 -0.26 -10.59 -15.30
CA GLY A 131 -0.90 -11.28 -14.21
C GLY A 131 -0.12 -12.52 -13.81
N PRO A 132 -0.30 -12.98 -12.59
CA PRO A 132 0.47 -14.13 -12.10
C PRO A 132 -0.15 -15.44 -12.52
N SER A 133 0.69 -16.47 -12.51
CA SER A 133 0.24 -17.86 -12.53
C SER A 133 0.21 -18.37 -11.10
N VAL A 134 -0.83 -19.12 -10.75
CA VAL A 134 -1.01 -19.61 -9.39
C VAL A 134 -0.94 -21.13 -9.42
N PHE A 135 0.07 -21.69 -8.77
CA PHE A 135 0.28 -23.13 -8.74
C PHE A 135 0.14 -23.66 -7.33
N PRO A 136 -0.50 -24.81 -7.15
CA PRO A 136 -0.67 -25.36 -5.80
C PRO A 136 0.62 -25.95 -5.25
N LEU A 137 0.80 -25.81 -3.94
CA LEU A 137 1.90 -26.44 -3.21
C LEU A 137 1.25 -27.49 -2.32
N ALA A 138 1.15 -28.70 -2.84
CA ALA A 138 0.34 -29.75 -2.24
C ALA A 138 1.09 -30.46 -1.12
N PRO A 139 0.42 -30.74 0.00
CA PRO A 139 1.02 -31.58 1.04
C PRO A 139 0.77 -33.06 0.75
N SER A 140 1.50 -33.90 1.46
CA SER A 140 1.29 -35.34 1.36
C SER A 140 0.33 -35.82 2.45
N GLY A 147 1.15 -34.97 12.62
CA GLY A 147 0.59 -33.84 13.33
C GLY A 147 -0.07 -32.81 12.44
N THR A 148 0.73 -31.86 11.94
CA THR A 148 0.24 -30.81 11.05
C THR A 148 0.89 -30.95 9.67
N ALA A 149 0.28 -30.30 8.69
CA ALA A 149 0.78 -30.33 7.31
C ALA A 149 0.81 -28.91 6.76
N ALA A 150 1.84 -28.61 5.98
CA ALA A 150 1.98 -27.31 5.33
C ALA A 150 1.55 -27.41 3.87
N LEU A 151 0.72 -26.45 3.45
CA LEU A 151 0.28 -26.34 2.06
C LEU A 151 0.27 -24.86 1.69
N GLY A 152 0.26 -24.59 0.39
CA GLY A 152 0.25 -23.20 -0.03
C GLY A 152 0.01 -23.06 -1.51
N CYS A 153 0.26 -21.85 -2.00
CA CYS A 153 0.12 -21.50 -3.41
CA CYS A 153 0.18 -21.59 -3.43
C CYS A 153 1.33 -20.71 -3.86
N LEU A 154 1.88 -21.04 -5.02
CA LEU A 154 2.97 -20.29 -5.62
C LEU A 154 2.38 -19.28 -6.58
N VAL A 155 2.63 -18.00 -6.33
CA VAL A 155 2.11 -16.90 -7.13
C VAL A 155 3.27 -16.38 -7.98
N LYS A 156 3.33 -16.83 -9.23
CA LYS A 156 4.54 -16.76 -10.03
C LYS A 156 4.40 -15.77 -11.18
N ASP A 157 5.49 -15.03 -11.43
CA ASP A 157 5.72 -14.28 -12.67
C ASP A 157 4.62 -13.24 -12.93
N TYR A 158 4.62 -12.21 -12.08
CA TYR A 158 3.71 -11.09 -12.26
C TYR A 158 4.48 -9.78 -12.23
N PHE A 159 3.84 -8.72 -12.72
CA PHE A 159 4.42 -7.39 -12.73
C PHE A 159 3.30 -6.38 -12.95
N PRO A 160 3.28 -5.26 -12.20
CA PRO A 160 4.21 -5.00 -11.11
C PRO A 160 3.67 -5.53 -9.79
N GLU A 161 4.26 -5.08 -8.68
CA GLU A 161 3.67 -5.32 -7.37
C GLU A 161 2.44 -4.44 -7.20
N PRO A 162 1.52 -4.80 -6.28
CA PRO A 162 1.51 -5.98 -5.42
C PRO A 162 0.47 -7.02 -5.81
N VAL A 163 0.54 -8.18 -5.15
CA VAL A 163 -0.53 -9.16 -5.14
C VAL A 163 -0.97 -9.35 -3.70
N THR A 164 -2.27 -9.54 -3.51
CA THR A 164 -2.81 -9.93 -2.22
C THR A 164 -3.25 -11.39 -2.28
N VAL A 165 -3.17 -12.06 -1.14
CA VAL A 165 -3.57 -13.45 -1.01
C VAL A 165 -4.42 -13.61 0.24
N SER A 166 -5.54 -14.31 0.11
CA SER A 166 -6.34 -14.76 1.25
C SER A 166 -6.59 -16.25 1.09
N TRP A 167 -7.05 -16.88 2.15
CA TRP A 167 -7.36 -18.31 2.13
C TRP A 167 -8.82 -18.53 2.49
N ASN A 168 -9.51 -19.31 1.65
CA ASN A 168 -10.93 -19.62 1.83
C ASN A 168 -11.75 -18.34 2.01
N SER A 169 -11.47 -17.37 1.13
CA SER A 169 -12.19 -16.10 1.10
C SER A 169 -12.10 -15.36 2.44
N GLY A 170 -10.96 -15.47 3.10
CA GLY A 170 -10.72 -14.81 4.37
C GLY A 170 -11.18 -15.57 5.59
N ALA A 171 -11.85 -16.71 5.42
CA ALA A 171 -12.30 -17.48 6.57
C ALA A 171 -11.15 -18.20 7.27
N LEU A 172 -10.06 -18.48 6.56
CA LEU A 172 -8.91 -19.15 7.13
C LEU A 172 -7.79 -18.13 7.32
N THR A 173 -7.43 -17.88 8.58
CA THR A 173 -6.39 -16.90 8.89
C THR A 173 -5.31 -17.50 9.79
N SER A 174 -5.69 -18.46 10.63
CA SER A 174 -4.75 -19.04 11.57
C SER A 174 -3.73 -19.91 10.85
N GLY A 175 -2.45 -19.75 11.22
CA GLY A 175 -1.38 -20.51 10.60
C GLY A 175 -1.01 -20.07 9.20
N VAL A 176 -1.56 -18.97 8.71
CA VAL A 176 -1.31 -18.48 7.37
C VAL A 176 -0.09 -17.59 7.39
N HIS A 177 0.77 -17.72 6.39
CA HIS A 177 1.89 -16.79 6.21
C HIS A 177 2.06 -16.52 4.73
N THR A 178 1.95 -15.26 4.35
CA THR A 178 2.20 -14.82 2.98
C THR A 178 3.56 -14.11 2.95
N PHE A 179 4.46 -14.61 2.11
CA PHE A 179 5.81 -14.09 2.07
C PHE A 179 5.91 -12.84 1.22
N PRO A 180 6.93 -12.01 1.46
CA PRO A 180 7.22 -10.92 0.53
C PRO A 180 7.70 -11.47 -0.81
N ALA A 181 7.53 -10.66 -1.84
CA ALA A 181 7.88 -11.08 -3.18
C ALA A 181 9.39 -10.99 -3.40
N VAL A 182 9.87 -11.76 -4.39
CA VAL A 182 11.22 -11.62 -4.90
C VAL A 182 11.13 -11.20 -6.37
N LEU A 183 12.04 -10.33 -6.78
CA LEU A 183 12.17 -9.94 -8.18
C LEU A 183 13.18 -10.88 -8.84
N GLN A 184 12.73 -11.60 -9.86
CA GLN A 184 13.55 -12.61 -10.51
C GLN A 184 14.37 -12.01 -11.65
N SER A 185 15.35 -12.78 -12.11
CA SER A 185 16.19 -12.36 -13.22
C SER A 185 15.39 -12.10 -14.49
N SER A 186 14.19 -12.68 -14.61
CA SER A 186 13.31 -12.39 -15.73
C SER A 186 12.67 -11.01 -15.64
N GLY A 187 12.87 -10.28 -14.54
CA GLY A 187 12.17 -9.04 -14.35
C GLY A 187 10.75 -9.17 -13.85
N LEU A 188 10.35 -10.37 -13.43
CA LEU A 188 9.01 -10.62 -12.91
C LEU A 188 9.10 -11.01 -11.44
N TYR A 189 8.05 -10.70 -10.69
CA TYR A 189 7.99 -11.03 -9.28
C TYR A 189 7.39 -12.42 -9.06
N SER A 190 7.62 -12.96 -7.87
CA SER A 190 7.03 -14.21 -7.44
CA SER A 190 7.04 -14.22 -7.44
C SER A 190 6.97 -14.24 -5.92
N LEU A 191 5.88 -14.80 -5.40
CA LEU A 191 5.77 -14.96 -3.96
C LEU A 191 5.00 -16.24 -3.66
N SER A 192 4.98 -16.59 -2.37
CA SER A 192 4.27 -17.75 -1.90
C SER A 192 3.44 -17.37 -0.69
N SER A 193 2.34 -18.10 -0.50
CA SER A 193 1.53 -18.01 0.71
C SER A 193 1.32 -19.43 1.18
N VAL A 194 1.55 -19.67 2.48
CA VAL A 194 1.42 -21.00 3.04
C VAL A 194 0.52 -20.95 4.26
N VAL A 195 -0.04 -22.11 4.59
CA VAL A 195 -0.87 -22.27 5.79
C VAL A 195 -0.60 -23.65 6.37
N THR A 196 -0.45 -23.70 7.68
CA THR A 196 -0.27 -24.95 8.40
C THR A 196 -1.61 -25.40 8.96
N VAL A 197 -2.01 -26.63 8.63
CA VAL A 197 -3.34 -27.13 8.98
C VAL A 197 -3.17 -28.47 9.67
N PRO A 198 -4.20 -28.92 10.39
CA PRO A 198 -4.15 -30.29 10.94
C PRO A 198 -4.17 -31.33 9.83
N SER A 199 -3.34 -32.35 9.97
CA SER A 199 -3.28 -33.41 8.97
C SER A 199 -4.64 -34.09 8.80
N SER A 200 -5.39 -34.22 9.90
CA SER A 200 -6.69 -34.89 9.84
C SER A 200 -7.68 -34.16 8.93
N SER A 201 -7.46 -32.87 8.67
CA SER A 201 -8.38 -32.10 7.85
C SER A 201 -8.15 -32.28 6.35
N LEU A 202 -6.96 -32.73 5.95
CA LEU A 202 -6.65 -32.89 4.55
C LEU A 202 -7.60 -33.88 3.89
N GLY A 203 -8.11 -33.51 2.72
CA GLY A 203 -9.05 -34.35 2.00
C GLY A 203 -10.50 -34.16 2.39
N THR A 204 -10.77 -33.61 3.57
CA THR A 204 -12.11 -33.27 4.00
C THR A 204 -12.37 -31.77 3.96
N GLN A 205 -11.50 -30.97 4.57
CA GLN A 205 -11.60 -29.52 4.48
C GLN A 205 -10.97 -29.05 3.17
N THR A 206 -11.72 -28.24 2.42
CA THR A 206 -11.21 -27.67 1.18
C THR A 206 -10.37 -26.43 1.49
N TYR A 207 -9.21 -26.33 0.83
CA TYR A 207 -8.32 -25.19 0.99
C TYR A 207 -8.15 -24.51 -0.35
N ILE A 208 -8.52 -23.23 -0.41
CA ILE A 208 -8.47 -22.44 -1.64
C ILE A 208 -7.78 -21.13 -1.33
N CYS A 209 -6.77 -20.77 -2.12
CA CYS A 209 -6.07 -19.50 -1.99
CA CYS A 209 -6.09 -19.50 -1.97
C CYS A 209 -6.64 -18.52 -3.00
N ASN A 210 -6.95 -17.31 -2.56
CA ASN A 210 -7.55 -16.28 -3.40
C ASN A 210 -6.50 -15.23 -3.71
N VAL A 211 -6.12 -15.14 -4.99
CA VAL A 211 -5.03 -14.27 -5.42
C VAL A 211 -5.61 -13.12 -6.23
N ASN A 212 -5.25 -11.90 -5.84
CA ASN A 212 -5.66 -10.70 -6.54
C ASN A 212 -4.42 -9.94 -7.01
N HIS A 213 -4.40 -9.61 -8.30
CA HIS A 213 -3.37 -8.75 -8.90
C HIS A 213 -4.13 -7.65 -9.62
N LYS A 214 -4.39 -6.55 -8.91
CA LYS A 214 -5.15 -5.44 -9.50
C LYS A 214 -4.55 -4.88 -10.78
N PRO A 215 -3.24 -4.66 -10.92
CA PRO A 215 -2.73 -4.01 -12.14
C PRO A 215 -3.08 -4.75 -13.42
N SER A 216 -3.26 -6.06 -13.35
CA SER A 216 -3.68 -6.85 -14.50
C SER A 216 -5.14 -7.27 -14.42
N ASN A 217 -5.88 -6.74 -13.43
CA ASN A 217 -7.29 -7.11 -13.22
C ASN A 217 -7.45 -8.62 -13.15
N THR A 218 -6.52 -9.28 -12.46
CA THR A 218 -6.48 -10.73 -12.37
C THR A 218 -7.00 -11.18 -11.00
N LYS A 219 -7.92 -12.14 -11.01
CA LYS A 219 -8.39 -12.82 -9.81
C LYS A 219 -8.32 -14.31 -10.06
N VAL A 220 -7.62 -15.02 -9.19
CA VAL A 220 -7.46 -16.47 -9.31
C VAL A 220 -7.78 -17.12 -7.98
N ASP A 221 -8.66 -18.12 -8.00
CA ASP A 221 -8.89 -18.99 -6.86
C ASP A 221 -8.32 -20.36 -7.21
N LYS A 222 -7.35 -20.81 -6.42
CA LYS A 222 -6.70 -22.09 -6.67
C LYS A 222 -6.97 -23.04 -5.51
N ARG A 223 -7.60 -24.17 -5.83
CA ARG A 223 -7.84 -25.20 -4.83
C ARG A 223 -6.56 -26.02 -4.64
N VAL A 224 -6.11 -26.15 -3.40
CA VAL A 224 -4.90 -26.89 -3.09
C VAL A 224 -5.33 -28.25 -2.53
N GLU A 225 -5.04 -29.31 -3.28
CA GLU A 225 -5.49 -30.63 -2.89
C GLU A 225 -4.31 -31.45 -2.39
N PRO A 226 -4.52 -32.31 -1.39
CA PRO A 226 -3.42 -33.16 -0.93
C PRO A 226 -3.04 -34.20 -1.97
N LYS A 227 -1.79 -34.63 -1.91
CA LYS A 227 -1.31 -35.74 -2.73
C LYS A 227 -1.39 -37.06 -1.97
N SER A 228 -1.62 -38.15 -2.72
CA SER A 228 -1.52 -39.47 -2.14
C SER A 228 -0.09 -40.02 -2.17
N CYS A 229 0.77 -39.52 -3.06
CA CYS A 229 2.15 -40.01 -3.14
C CYS A 229 3.01 -39.36 -2.07
N TYR B 2 37.39 -1.18 -1.00
CA TYR B 2 37.67 -1.25 0.43
C TYR B 2 36.58 -2.07 1.12
N GLU B 3 36.99 -3.01 1.96
CA GLU B 3 36.07 -3.95 2.61
C GLU B 3 36.14 -3.80 4.11
N LEU B 4 34.97 -3.71 4.74
CA LEU B 4 34.83 -3.68 6.20
C LEU B 4 34.00 -4.87 6.62
N THR B 5 34.56 -5.73 7.46
CA THR B 5 33.97 -7.01 7.79
C THR B 5 33.29 -6.95 9.15
N GLN B 6 32.02 -7.34 9.19
CA GLN B 6 31.20 -7.42 10.39
C GLN B 6 30.66 -8.84 10.56
N PRO B 7 30.38 -9.27 11.78
CA PRO B 7 29.67 -10.54 11.97
C PRO B 7 28.26 -10.44 11.41
N PRO B 8 27.78 -11.46 10.70
CA PRO B 8 26.44 -11.36 10.11
C PRO B 8 25.34 -11.15 11.13
N SER B 9 25.46 -11.75 12.31
CA SER B 9 24.39 -11.66 13.29
C SER B 9 24.97 -11.73 14.70
N VAL B 10 24.37 -10.97 15.61
CA VAL B 10 24.73 -10.97 17.01
C VAL B 10 23.45 -11.03 17.83
N SER B 11 23.44 -11.87 18.86
CA SER B 11 22.33 -11.99 19.79
C SER B 11 22.76 -11.45 21.15
N VAL B 12 21.81 -10.81 21.84
CA VAL B 12 22.08 -10.24 23.16
C VAL B 12 20.81 -10.36 23.99
N SER B 13 20.97 -10.75 25.25
CA SER B 13 19.84 -10.76 26.17
C SER B 13 19.46 -9.33 26.54
N PRO B 14 18.17 -9.08 26.80
CA PRO B 14 17.76 -7.76 27.27
C PRO B 14 18.51 -7.39 28.55
N GLY B 15 19.07 -6.18 28.57
CA GLY B 15 19.81 -5.73 29.73
C GLY B 15 21.28 -6.09 29.72
N GLN B 16 21.72 -6.94 28.80
CA GLN B 16 23.12 -7.31 28.68
C GLN B 16 23.81 -6.47 27.61
N THR B 17 25.11 -6.66 27.49
CA THR B 17 25.94 -5.83 26.63
C THR B 17 26.15 -6.52 25.29
N ALA B 18 25.89 -5.79 24.21
CA ALA B 18 26.15 -6.27 22.85
C ALA B 18 27.40 -5.59 22.30
N ARG B 19 28.22 -6.36 21.61
CA ARG B 19 29.43 -5.84 20.96
C ARG B 19 29.42 -6.25 19.50
N ILE B 20 29.59 -5.28 18.61
CA ILE B 20 29.59 -5.51 17.17
C ILE B 20 30.91 -5.01 16.61
N THR B 21 31.69 -5.91 16.03
CA THR B 21 33.01 -5.59 15.53
C THR B 21 32.98 -5.23 14.05
N CYS B 22 34.00 -4.48 13.63
CA CYS B 22 34.13 -4.01 12.26
C CYS B 22 35.60 -3.99 11.92
N SER B 23 36.03 -4.86 11.02
CA SER B 23 37.45 -5.03 10.71
C SER B 23 37.77 -4.36 9.38
N GLY B 24 38.74 -3.46 9.39
CA GLY B 24 39.22 -2.80 8.19
C GLY B 24 40.68 -2.40 8.28
N ASP B 25 41.43 -2.57 7.18
CA ASP B 25 42.86 -2.32 7.21
C ASP B 25 43.21 -0.85 7.46
N ALA B 26 42.30 0.08 7.17
CA ALA B 26 42.60 1.50 7.25
C ALA B 26 42.10 2.16 8.53
N LEU B 27 41.47 1.40 9.43
CA LEU B 27 40.94 2.00 10.65
C LEU B 27 41.99 2.66 11.55
N PRO B 28 43.26 2.22 11.60
CA PRO B 28 44.25 2.99 12.36
C PRO B 28 44.42 4.42 11.88
N LYS B 29 44.09 4.71 10.62
CA LYS B 29 44.24 6.05 10.07
C LYS B 29 42.93 6.77 9.79
N LYS B 30 41.80 6.06 9.71
CA LYS B 30 40.55 6.66 9.28
C LYS B 30 39.44 6.37 10.29
N TYR B 31 38.64 7.40 10.56
CA TYR B 31 37.56 7.29 11.53
C TYR B 31 36.49 6.32 11.07
N ALA B 32 35.86 5.65 12.05
CA ALA B 32 34.72 4.78 11.81
C ALA B 32 33.44 5.47 12.23
N TYR B 33 32.39 5.27 11.46
CA TYR B 33 31.04 5.72 11.78
C TYR B 33 30.14 4.51 11.92
N TRP B 34 29.12 4.61 12.75
CA TRP B 34 28.18 3.53 12.97
C TRP B 34 26.77 4.00 12.68
N TYR B 35 26.01 3.17 11.96
CA TYR B 35 24.64 3.47 11.58
C TYR B 35 23.72 2.34 12.04
N GLN B 36 22.54 2.72 12.49
CA GLN B 36 21.47 1.80 12.86
C GLN B 36 20.38 1.89 11.80
N GLN B 37 19.87 0.74 11.35
CA GLN B 37 18.83 0.71 10.34
C GLN B 37 17.75 -0.27 10.75
N LYS B 38 16.51 0.21 10.82
CA LYS B 38 15.35 -0.63 11.11
C LYS B 38 14.55 -0.82 9.82
N SER B 39 13.72 -1.86 9.82
CA SER B 39 12.99 -2.27 8.62
C SER B 39 12.21 -1.11 8.02
N GLY B 40 12.40 -0.89 6.72
CA GLY B 40 11.69 0.13 5.98
C GLY B 40 12.10 1.56 6.26
N GLN B 41 13.22 1.78 6.94
N GLN B 41 13.22 1.77 6.95
CA GLN B 41 13.67 3.11 7.30
CA GLN B 41 13.68 3.11 7.30
C GLN B 41 15.08 3.36 6.78
C GLN B 41 15.07 3.35 6.75
N ALA B 42 15.42 4.63 6.61
CA ALA B 42 16.77 4.99 6.27
C ALA B 42 17.68 4.77 7.48
N PRO B 43 18.97 4.55 7.27
CA PRO B 43 19.88 4.37 8.41
C PRO B 43 19.94 5.63 9.26
N VAL B 44 20.31 5.44 10.53
CA VAL B 44 20.40 6.53 11.50
C VAL B 44 21.77 6.46 12.15
N LEU B 45 22.47 7.59 12.18
CA LEU B 45 23.78 7.64 12.80
C LEU B 45 23.67 7.39 14.31
N VAL B 46 24.48 6.47 14.81
CA VAL B 46 24.56 6.25 16.25
C VAL B 46 25.94 6.54 16.82
N ILE B 47 27.00 6.53 16.01
CA ILE B 47 28.35 6.91 16.43
C ILE B 47 29.03 7.60 15.25
N HIS B 48 29.70 8.71 15.52
CA HIS B 48 30.56 9.32 14.51
C HIS B 48 31.97 9.49 15.08
N GLU B 49 32.95 9.45 14.18
CA GLU B 49 34.36 9.70 14.50
C GLU B 49 34.84 8.79 15.64
N ASP B 50 34.68 7.47 15.40
CA ASP B 50 35.12 6.40 16.29
C ASP B 50 34.31 6.28 17.57
N ASP B 51 34.19 7.36 18.36
CA ASP B 51 33.59 7.21 19.69
C ASP B 51 32.63 8.32 20.08
N LYS B 52 32.30 9.26 19.19
CA LYS B 52 31.46 10.39 19.55
C LYS B 52 29.99 10.02 19.42
N ARG B 53 29.22 10.35 20.45
CA ARG B 53 27.81 9.98 20.53
C ARG B 53 26.95 11.16 20.08
N PRO B 54 26.09 10.99 19.07
CA PRO B 54 25.24 12.09 18.63
C PRO B 54 24.28 12.52 19.72
N SER B 55 23.81 13.76 19.60
CA SER B 55 23.04 14.40 20.67
C SER B 55 21.79 13.61 21.04
N GLY B 56 21.16 12.95 20.07
CA GLY B 56 19.92 12.24 20.30
C GLY B 56 20.04 10.76 20.57
N ILE B 57 21.24 10.23 20.73
CA ILE B 57 21.48 8.80 20.88
C ILE B 57 21.64 8.46 22.36
N PRO B 58 20.97 7.43 22.87
CA PRO B 58 21.05 7.13 24.31
C PRO B 58 22.48 6.84 24.77
N GLY B 59 22.71 7.11 26.05
CA GLY B 59 24.05 6.96 26.62
C GLY B 59 24.55 5.54 26.66
N ARG B 60 23.67 4.55 26.52
CA ARG B 60 24.10 3.16 26.50
C ARG B 60 24.84 2.79 25.21
N PHE B 61 24.76 3.64 24.18
CA PHE B 61 25.54 3.44 22.97
C PHE B 61 26.93 4.06 23.14
N SER B 62 27.95 3.26 22.88
CA SER B 62 29.33 3.74 22.85
C SER B 62 30.08 2.93 21.82
N ALA B 63 31.28 3.40 21.49
CA ALA B 63 32.09 2.71 20.50
C ALA B 63 33.55 3.09 20.72
N SER B 64 34.43 2.29 20.12
CA SER B 64 35.86 2.56 20.18
C SER B 64 36.50 1.94 18.94
N SER B 65 37.76 2.30 18.72
CA SER B 65 38.54 1.76 17.60
C SER B 65 39.96 1.53 18.08
N SER B 66 40.46 0.32 17.82
CA SER B 66 41.84 -0.02 18.18
C SER B 66 42.37 -0.98 17.14
N GLY B 67 43.54 -0.65 16.59
CA GLY B 67 44.09 -1.45 15.51
C GLY B 67 43.20 -1.40 14.30
N THR B 68 42.98 -2.57 13.70
CA THR B 68 42.13 -2.69 12.53
C THR B 68 40.71 -3.10 12.88
N THR B 69 40.28 -2.90 14.12
CA THR B 69 38.97 -3.33 14.58
C THR B 69 38.27 -2.18 15.29
N ALA B 70 37.09 -1.83 14.79
CA ALA B 70 36.20 -0.88 15.45
C ALA B 70 35.06 -1.66 16.09
N THR B 71 34.70 -1.29 17.32
CA THR B 71 33.71 -2.03 18.09
C THR B 71 32.61 -1.10 18.55
N LEU B 72 31.37 -1.43 18.19
CA LEU B 72 30.19 -0.75 18.73
C LEU B 72 29.69 -1.52 19.94
N THR B 73 29.55 -0.84 21.07
CA THR B 73 29.09 -1.45 22.31
C THR B 73 27.75 -0.84 22.71
N ILE B 74 26.76 -1.70 22.96
CA ILE B 74 25.44 -1.28 23.43
C ILE B 74 25.25 -1.90 24.80
N SER B 75 25.48 -1.10 25.85
CA SER B 75 25.24 -1.57 27.21
C SER B 75 23.75 -1.64 27.50
N GLY B 76 23.38 -2.55 28.39
CA GLY B 76 21.99 -2.71 28.80
C GLY B 76 21.01 -2.70 27.64
N ALA B 77 21.20 -3.63 26.70
CA ALA B 77 20.45 -3.61 25.45
C ALA B 77 18.95 -3.63 25.71
N GLN B 78 18.22 -2.86 24.91
CA GLN B 78 16.78 -2.75 25.01
C GLN B 78 16.16 -3.29 23.74
N VAL B 79 14.85 -3.56 23.79
CA VAL B 79 14.14 -4.11 22.64
C VAL B 79 14.22 -3.17 21.44
N GLU B 80 14.21 -1.86 21.69
CA GLU B 80 14.29 -0.88 20.60
C GLU B 80 15.65 -0.87 19.92
N ASP B 81 16.68 -1.49 20.52
CA ASP B 81 17.99 -1.54 19.89
C ASP B 81 18.09 -2.62 18.83
N GLU B 82 17.07 -3.48 18.73
CA GLU B 82 17.06 -4.52 17.69
C GLU B 82 17.00 -3.87 16.31
N ALA B 83 18.03 -4.12 15.50
CA ALA B 83 18.14 -3.52 14.18
C ALA B 83 19.35 -4.07 13.45
N ASP B 84 19.56 -3.64 12.20
CA ASP B 84 20.81 -3.87 11.51
C ASP B 84 21.77 -2.73 11.81
N TYR B 85 23.06 -3.06 11.97
CA TYR B 85 24.08 -2.08 12.27
C TYR B 85 25.18 -2.15 11.23
N TYR B 86 25.58 -0.99 10.72
CA TYR B 86 26.63 -0.88 9.71
C TYR B 86 27.73 0.04 10.20
N CYS B 87 28.97 -0.41 10.12
CA CYS B 87 30.07 0.54 10.24
C CYS B 87 30.33 1.19 8.89
N TYR B 88 31.11 2.27 8.91
CA TYR B 88 31.34 3.07 7.71
C TYR B 88 32.64 3.81 7.88
N SER B 89 33.48 3.79 6.84
CA SER B 89 34.80 4.41 6.89
C SER B 89 35.34 4.52 5.46
N THR B 90 36.63 4.82 5.35
CA THR B 90 37.32 4.96 4.07
C THR B 90 38.73 4.42 4.22
N ASP B 91 39.43 4.30 3.09
CA ASP B 91 40.82 3.85 3.12
C ASP B 91 41.73 5.01 2.74
N THR B 92 43.03 4.72 2.62
CA THR B 92 44.00 5.77 2.34
C THR B 92 43.97 6.25 0.90
N ASN B 93 43.14 5.65 0.05
CA ASN B 93 42.92 6.14 -1.31
C ASN B 93 41.52 6.70 -1.50
N ASP B 94 40.86 7.10 -0.40
CA ASP B 94 39.54 7.74 -0.43
C ASP B 94 38.46 6.83 -0.98
N ASN B 95 38.59 5.52 -0.80
CA ASN B 95 37.53 4.58 -1.12
C ASN B 95 36.62 4.41 0.09
N HIS B 96 35.43 4.99 0.03
CA HIS B 96 34.47 4.86 1.12
C HIS B 96 33.78 3.49 1.05
N ALA B 97 33.37 3.00 2.20
CA ALA B 97 32.66 1.72 2.23
C ALA B 97 31.86 1.59 3.51
N PHE B 98 30.69 0.96 3.40
CA PHE B 98 29.97 0.46 4.54
C PHE B 98 30.41 -0.98 4.81
N GLY B 99 30.30 -1.39 6.07
CA GLY B 99 30.60 -2.77 6.42
C GLY B 99 29.54 -3.72 5.92
N SER B 100 29.84 -5.02 6.05
CA SER B 100 28.92 -6.05 5.59
C SER B 100 27.60 -6.06 6.38
N GLY B 101 27.57 -5.46 7.55
CA GLY B 101 26.31 -5.32 8.29
C GLY B 101 26.12 -6.44 9.29
N THR B 102 25.47 -6.09 10.39
CA THR B 102 25.19 -7.03 11.49
C THR B 102 23.75 -6.89 11.91
N LYS B 103 23.02 -8.00 11.90
CA LYS B 103 21.66 -8.05 12.43
C LYS B 103 21.74 -8.30 13.93
N LEU B 104 21.38 -7.31 14.72
CA LEU B 104 21.36 -7.44 16.17
C LEU B 104 19.97 -7.89 16.62
N THR B 105 19.88 -9.08 17.19
CA THR B 105 18.67 -9.57 17.80
C THR B 105 18.74 -9.36 19.30
N VAL B 106 17.73 -8.71 19.86
CA VAL B 106 17.56 -8.64 21.31
C VAL B 106 16.61 -9.76 21.68
N LEU B 107 17.16 -10.81 22.31
CA LEU B 107 16.43 -12.05 22.49
C LEU B 107 15.13 -11.85 23.26
N SER B 108 14.02 -12.29 22.67
CA SER B 108 12.72 -12.14 23.27
C SER B 108 12.06 -13.48 23.58
N GLN B 109 12.74 -14.59 23.28
CA GLN B 109 12.23 -15.94 23.47
C GLN B 109 13.37 -16.92 23.29
N PRO B 110 13.21 -18.19 23.68
CA PRO B 110 14.28 -19.16 23.48
C PRO B 110 14.49 -19.45 22.00
N LYS B 111 15.68 -19.97 21.70
CA LYS B 111 15.97 -20.39 20.33
C LYS B 111 14.96 -21.42 19.85
N ALA B 112 14.51 -21.26 18.61
CA ALA B 112 13.56 -22.17 17.99
C ALA B 112 14.17 -22.67 16.68
N ASN B 113 14.24 -23.99 16.54
CA ASN B 113 14.86 -24.55 15.35
C ASN B 113 13.88 -24.51 14.18
N PRO B 114 14.40 -24.30 12.97
CA PRO B 114 13.50 -24.14 11.81
C PRO B 114 12.89 -25.46 11.39
N THR B 115 11.63 -25.38 10.94
CA THR B 115 10.96 -26.48 10.27
C THR B 115 11.06 -26.23 8.77
N VAL B 116 11.57 -27.22 8.04
CA VAL B 116 11.83 -27.07 6.60
C VAL B 116 10.88 -27.98 5.83
N THR B 117 10.16 -27.41 4.86
CA THR B 117 9.31 -28.15 3.96
C THR B 117 9.72 -27.83 2.53
N LEU B 118 10.03 -28.86 1.75
CA LEU B 118 10.51 -28.69 0.39
C LEU B 118 9.44 -29.20 -0.58
N PHE B 119 8.88 -28.28 -1.40
CA PHE B 119 7.86 -28.67 -2.36
C PHE B 119 8.47 -28.88 -3.74
N PRO B 120 8.23 -30.02 -4.37
CA PRO B 120 8.67 -30.21 -5.75
C PRO B 120 7.81 -29.40 -6.69
N PRO B 121 8.22 -29.27 -7.96
CA PRO B 121 7.35 -28.59 -8.93
C PRO B 121 5.99 -29.27 -9.03
N SER B 122 4.94 -28.47 -9.05
CA SER B 122 3.61 -29.02 -9.26
C SER B 122 3.44 -29.47 -10.70
N SER B 123 2.50 -30.40 -10.91
CA SER B 123 2.20 -30.82 -12.27
C SER B 123 1.66 -29.67 -13.11
N GLU B 124 0.93 -28.73 -12.48
CA GLU B 124 0.42 -27.58 -13.20
C GLU B 124 1.55 -26.72 -13.77
N GLU B 125 2.59 -26.47 -12.97
CA GLU B 125 3.70 -25.67 -13.45
C GLU B 125 4.49 -26.40 -14.52
N LEU B 126 4.68 -27.72 -14.36
CA LEU B 126 5.35 -28.50 -15.38
C LEU B 126 4.57 -28.46 -16.70
N GLN B 127 3.24 -28.48 -16.61
CA GLN B 127 2.41 -28.33 -17.81
C GLN B 127 2.66 -26.99 -18.49
N ALA B 128 2.95 -25.95 -17.70
CA ALA B 128 3.31 -24.64 -18.24
C ALA B 128 4.78 -24.54 -18.62
N ASN B 129 5.46 -25.67 -18.78
CA ASN B 129 6.86 -25.71 -19.21
C ASN B 129 7.77 -24.94 -18.25
N LYS B 130 7.48 -25.06 -16.96
CA LYS B 130 8.30 -24.45 -15.92
C LYS B 130 8.37 -25.38 -14.72
N ALA B 131 9.32 -25.11 -13.84
CA ALA B 131 9.53 -25.95 -12.66
C ALA B 131 10.16 -25.10 -11.57
N THR B 132 9.51 -25.05 -10.42
CA THR B 132 10.01 -24.30 -9.27
C THR B 132 9.97 -25.20 -8.04
N LEU B 133 11.12 -25.37 -7.40
CA LEU B 133 11.18 -26.00 -6.09
C LEU B 133 11.03 -24.91 -5.03
N VAL B 134 10.16 -25.15 -4.05
CA VAL B 134 9.84 -24.16 -3.03
C VAL B 134 10.25 -24.72 -1.68
N CYS B 135 11.19 -24.05 -1.04
CA CYS B 135 11.68 -24.44 0.28
C CYS B 135 11.08 -23.50 1.32
N LEU B 136 10.17 -24.03 2.13
CA LEU B 136 9.51 -23.26 3.17
C LEU B 136 10.23 -23.48 4.49
N ILE B 137 10.62 -22.39 5.14
CA ILE B 137 11.35 -22.42 6.41
C ILE B 137 10.53 -21.62 7.42
N SER B 138 10.14 -22.26 8.52
CA SER B 138 9.20 -21.63 9.42
C SER B 138 9.56 -21.90 10.88
N ASP B 139 9.00 -21.07 11.76
CA ASP B 139 9.05 -21.24 13.21
C ASP B 139 10.48 -21.29 13.75
N PHE B 140 11.34 -20.42 13.25
CA PHE B 140 12.70 -20.33 13.78
C PHE B 140 12.93 -18.98 14.44
N TYR B 141 13.83 -18.98 15.43
CA TYR B 141 14.20 -17.79 16.17
C TYR B 141 15.60 -18.03 16.70
N PRO B 142 16.52 -17.05 16.58
CA PRO B 142 16.35 -15.72 15.96
C PRO B 142 16.13 -15.79 14.44
N GLY B 143 15.80 -14.65 13.84
CA GLY B 143 15.44 -14.60 12.44
C GLY B 143 16.62 -14.46 11.50
N ALA B 144 17.62 -15.31 11.66
CA ALA B 144 18.81 -15.31 10.81
C ALA B 144 19.09 -16.73 10.33
N VAL B 145 19.02 -16.94 9.01
CA VAL B 145 19.26 -18.25 8.42
C VAL B 145 20.04 -18.07 7.13
N THR B 146 20.79 -19.09 6.75
CA THR B 146 21.43 -19.17 5.44
C THR B 146 20.89 -20.38 4.70
N VAL B 147 20.60 -20.20 3.43
CA VAL B 147 19.97 -21.23 2.61
C VAL B 147 20.91 -21.58 1.47
N ALA B 148 21.12 -22.87 1.26
CA ALA B 148 21.93 -23.38 0.16
C ALA B 148 21.18 -24.48 -0.55
N TRP B 149 21.31 -24.53 -1.87
CA TRP B 149 20.64 -25.51 -2.70
C TRP B 149 21.66 -26.47 -3.31
N LYS B 150 21.29 -27.74 -3.38
CA LYS B 150 22.14 -28.74 -4.01
C LYS B 150 21.33 -29.56 -5.01
N ALA B 151 21.95 -29.85 -6.15
CA ALA B 151 21.43 -30.81 -7.11
C ALA B 151 22.47 -31.91 -7.28
N ASP B 152 22.10 -33.14 -6.95
CA ASP B 152 23.01 -34.30 -7.05
C ASP B 152 24.29 -34.07 -6.27
N SER B 153 24.16 -33.53 -5.06
CA SER B 153 25.28 -33.22 -4.17
C SER B 153 26.18 -32.11 -4.71
N SER B 154 25.73 -31.36 -5.72
CA SER B 154 26.48 -30.26 -6.29
C SER B 154 25.84 -28.94 -5.89
N PRO B 155 26.61 -27.97 -5.40
CA PRO B 155 26.01 -26.68 -5.03
C PRO B 155 25.43 -25.98 -6.26
N VAL B 156 24.27 -25.37 -6.07
CA VAL B 156 23.53 -24.71 -7.13
C VAL B 156 23.40 -23.25 -6.77
N LYS B 157 24.02 -22.36 -7.54
CA LYS B 157 23.86 -20.93 -7.35
C LYS B 157 22.88 -20.29 -8.33
N ALA B 158 22.76 -20.84 -9.54
CA ALA B 158 21.92 -20.25 -10.56
C ALA B 158 20.44 -20.57 -10.32
N GLY B 159 19.60 -19.56 -10.49
CA GLY B 159 18.17 -19.74 -10.39
C GLY B 159 17.62 -19.78 -8.98
N VAL B 160 18.36 -19.28 -8.00
CA VAL B 160 17.96 -19.30 -6.60
C VAL B 160 17.57 -17.89 -6.18
N GLU B 161 16.41 -17.77 -5.53
CA GLU B 161 15.97 -16.52 -4.91
C GLU B 161 15.44 -16.83 -3.51
N THR B 162 15.81 -16.00 -2.54
CA THR B 162 15.46 -16.23 -1.15
C THR B 162 14.94 -14.94 -0.53
N THR B 163 13.87 -15.06 0.25
CA THR B 163 13.31 -13.92 0.96
C THR B 163 14.03 -13.73 2.30
N THR B 164 14.11 -12.48 2.73
CA THR B 164 14.61 -12.18 4.06
C THR B 164 13.60 -12.63 5.11
N PRO B 165 14.03 -13.25 6.21
CA PRO B 165 13.09 -13.76 7.20
C PRO B 165 12.06 -12.73 7.63
N SER B 166 10.79 -13.13 7.60
CA SER B 166 9.66 -12.31 7.98
C SER B 166 9.03 -12.87 9.23
N LYS B 167 8.56 -12.00 10.12
CA LYS B 167 8.00 -12.42 11.40
C LYS B 167 6.64 -13.08 11.22
N GLN B 168 6.46 -14.23 11.85
CA GLN B 168 5.17 -14.90 11.84
C GLN B 168 4.27 -14.29 12.92
N SER B 169 2.99 -14.67 12.87
CA SER B 169 2.04 -14.19 13.87
C SER B 169 2.39 -14.71 15.27
N ASN B 170 3.03 -15.88 15.36
CA ASN B 170 3.42 -16.43 16.64
C ASN B 170 4.74 -15.85 17.16
N ASN B 171 5.30 -14.84 16.48
CA ASN B 171 6.48 -14.07 16.82
C ASN B 171 7.78 -14.79 16.46
N LYS B 172 7.72 -16.01 15.93
CA LYS B 172 8.89 -16.61 15.31
C LYS B 172 9.04 -16.09 13.88
N TYR B 173 10.06 -16.56 13.17
CA TYR B 173 10.33 -16.09 11.83
C TYR B 173 10.12 -17.19 10.79
N ALA B 174 9.83 -16.76 9.57
CA ALA B 174 9.70 -17.65 8.43
C ALA B 174 10.48 -17.08 7.25
N ALA B 175 10.92 -17.97 6.37
CA ALA B 175 11.61 -17.56 5.15
C ALA B 175 11.25 -18.53 4.04
N SER B 176 11.48 -18.10 2.81
CA SER B 176 11.19 -18.90 1.64
C SER B 176 12.33 -18.79 0.65
N SER B 177 12.59 -19.89 -0.05
CA SER B 177 13.64 -19.95 -1.06
C SER B 177 13.12 -20.73 -2.26
N TYR B 178 13.50 -20.29 -3.45
CA TYR B 178 13.01 -20.89 -4.68
C TYR B 178 14.19 -21.29 -5.57
N LEU B 179 14.11 -22.49 -6.13
CA LEU B 179 15.04 -22.93 -7.17
C LEU B 179 14.23 -23.08 -8.45
N SER B 180 14.52 -22.25 -9.44
CA SER B 180 13.80 -22.23 -10.70
C SER B 180 14.57 -23.03 -11.73
N LEU B 181 13.92 -24.01 -12.34
CA LEU B 181 14.55 -24.86 -13.34
C LEU B 181 13.60 -25.06 -14.51
N THR B 182 14.15 -25.59 -15.59
CA THR B 182 13.32 -26.06 -16.69
C THR B 182 12.81 -27.46 -16.36
N PRO B 183 11.70 -27.88 -16.97
CA PRO B 183 11.24 -29.26 -16.76
C PRO B 183 12.30 -30.29 -17.12
N GLU B 184 13.11 -30.02 -18.16
CA GLU B 184 14.18 -30.95 -18.52
C GLU B 184 15.24 -31.02 -17.43
N GLN B 185 15.62 -29.87 -16.87
CA GLN B 185 16.60 -29.87 -15.77
C GLN B 185 16.07 -30.64 -14.58
N TRP B 186 14.80 -30.42 -14.22
CA TRP B 186 14.21 -31.09 -13.07
C TRP B 186 14.28 -32.61 -13.23
N LYS B 187 13.93 -33.12 -14.42
CA LYS B 187 13.90 -34.57 -14.63
C LYS B 187 15.30 -35.17 -14.75
N SER B 188 16.29 -34.38 -15.14
CA SER B 188 17.62 -34.91 -15.47
C SER B 188 18.56 -34.97 -14.27
N HIS B 189 18.05 -34.82 -13.05
CA HIS B 189 18.88 -34.96 -11.86
C HIS B 189 18.22 -35.91 -10.87
N ARG B 190 19.05 -36.63 -10.13
CA ARG B 190 18.55 -37.65 -9.21
C ARG B 190 17.81 -37.03 -8.02
N SER B 191 18.38 -35.98 -7.43
CA SER B 191 17.79 -35.40 -6.23
C SER B 191 18.12 -33.91 -6.16
N TYR B 192 17.35 -33.20 -5.34
CA TYR B 192 17.58 -31.80 -5.04
C TYR B 192 17.41 -31.59 -3.54
N SER B 193 18.28 -30.77 -2.97
CA SER B 193 18.30 -30.57 -1.52
C SER B 193 18.27 -29.08 -1.19
N CYS B 194 17.49 -28.73 -0.17
CA CYS B 194 17.48 -27.39 0.40
C CYS B 194 18.11 -27.49 1.79
N GLN B 195 19.22 -26.77 1.99
CA GLN B 195 19.98 -26.83 3.23
C GLN B 195 19.81 -25.51 3.98
N VAL B 196 19.30 -25.59 5.21
CA VAL B 196 19.00 -24.42 6.02
C VAL B 196 19.88 -24.47 7.26
N THR B 197 20.72 -23.46 7.42
CA THR B 197 21.60 -23.35 8.57
C THR B 197 21.07 -22.25 9.48
N HIS B 198 20.88 -22.58 10.75
CA HIS B 198 20.35 -21.65 11.74
C HIS B 198 21.05 -21.92 13.06
N GLU B 199 21.72 -20.89 13.59
CA GLU B 199 22.45 -20.98 14.85
C GLU B 199 23.43 -22.16 14.84
N GLY B 200 24.16 -22.30 13.73
CA GLY B 200 25.23 -23.28 13.64
C GLY B 200 24.80 -24.71 13.44
N SER B 201 23.52 -24.97 13.15
CA SER B 201 23.02 -26.32 12.89
C SER B 201 22.27 -26.32 11.57
N THR B 202 22.57 -27.31 10.73
CA THR B 202 22.02 -27.37 9.38
C THR B 202 20.92 -28.43 9.30
N VAL B 203 19.76 -28.02 8.79
CA VAL B 203 18.65 -28.91 8.51
C VAL B 203 18.52 -29.03 6.99
N GLU B 204 18.28 -30.25 6.51
CA GLU B 204 18.22 -30.51 5.07
C GLU B 204 16.96 -31.28 4.74
N LYS B 205 16.34 -30.91 3.62
CA LYS B 205 15.23 -31.65 3.03
C LYS B 205 15.57 -31.95 1.57
N THR B 206 15.17 -33.13 1.10
CA THR B 206 15.51 -33.60 -0.23
CA THR B 206 15.51 -33.59 -0.24
C THR B 206 14.26 -34.09 -0.95
N VAL B 207 14.16 -33.80 -2.24
CA VAL B 207 13.09 -34.30 -3.09
C VAL B 207 13.71 -34.94 -4.32
N ALA B 208 12.98 -35.89 -4.91
CA ALA B 208 13.44 -36.63 -6.08
C ALA B 208 12.33 -36.65 -7.13
N PRO B 209 12.65 -36.39 -8.41
CA PRO B 209 11.61 -36.45 -9.44
C PRO B 209 10.93 -37.80 -9.54
N THR B 210 11.65 -38.89 -9.30
CA THR B 210 11.05 -40.22 -9.37
C THR B 210 10.12 -40.52 -8.20
N GLU B 211 10.16 -39.72 -7.13
CA GLU B 211 9.29 -39.96 -5.98
C GLU B 211 7.82 -39.80 -6.35
N CYS B 212 7.47 -38.68 -6.98
CA CYS B 212 6.09 -38.46 -7.41
C CYS B 212 6.08 -38.12 -8.90
N LYS C 2 -27.52 9.73 -34.97
CA LYS C 2 -26.88 8.43 -35.16
C LYS C 2 -26.98 7.61 -33.88
N ARG C 3 -27.57 6.42 -34.00
CA ARG C 3 -27.91 5.60 -32.85
C ARG C 3 -27.49 4.16 -33.10
N SER C 4 -26.83 3.57 -32.11
CA SER C 4 -26.38 2.18 -32.22
C SER C 4 -27.51 1.21 -31.90
N PHE C 5 -27.53 0.09 -32.64
CA PHE C 5 -28.51 -0.96 -32.39
C PHE C 5 -28.41 -1.52 -30.98
N ILE C 6 -27.23 -1.43 -30.35
CA ILE C 6 -27.04 -1.98 -29.02
C ILE C 6 -27.97 -1.32 -28.01
N GLU C 7 -28.34 -0.05 -28.24
CA GLU C 7 -29.26 0.64 -27.34
C GLU C 7 -30.57 -0.13 -27.20
N ASP C 8 -31.16 -0.52 -28.33
CA ASP C 8 -32.43 -1.27 -28.29
C ASP C 8 -32.21 -2.72 -27.87
N LEU C 9 -31.11 -3.33 -28.30
CA LEU C 9 -30.85 -4.73 -27.97
C LEU C 9 -30.81 -4.94 -26.46
N LEU C 10 -30.27 -3.98 -25.72
CA LEU C 10 -30.04 -4.16 -24.29
C LEU C 10 -31.18 -3.63 -23.42
N PHE C 11 -32.02 -2.73 -23.93
CA PHE C 11 -32.98 -2.04 -23.08
C PHE C 11 -34.43 -2.08 -23.55
N ASN C 12 -34.70 -2.26 -24.84
CA ASN C 12 -36.08 -2.15 -25.32
C ASN C 12 -36.90 -3.35 -24.85
N LYS C 13 -37.91 -3.10 -24.02
CA LYS C 13 -38.83 -4.16 -23.59
C LYS C 13 -40.01 -4.24 -24.54
N LYS D 2 41.18 18.28 -7.16
CA LYS D 2 40.70 16.94 -7.52
C LYS D 2 40.21 16.18 -6.29
N ARG D 3 40.50 16.73 -5.10
CA ARG D 3 40.19 16.07 -3.84
C ARG D 3 39.55 17.07 -2.90
N SER D 4 38.42 16.71 -2.32
CA SER D 4 37.71 17.61 -1.42
C SER D 4 38.30 17.57 -0.02
N PHE D 5 38.33 18.73 0.63
CA PHE D 5 38.78 18.80 2.01
C PHE D 5 37.91 17.98 2.93
N ILE D 6 36.65 17.74 2.55
CA ILE D 6 35.72 17.00 3.41
C ILE D 6 36.23 15.59 3.67
N GLU D 7 37.00 15.03 2.72
CA GLU D 7 37.56 13.70 2.93
C GLU D 7 38.41 13.65 4.20
N ASP D 8 39.28 14.64 4.39
CA ASP D 8 40.11 14.69 5.58
C ASP D 8 39.33 15.13 6.80
N LEU D 9 38.42 16.08 6.63
CA LEU D 9 37.64 16.59 7.76
C LEU D 9 36.85 15.48 8.45
N LEU D 10 36.33 14.53 7.68
CA LEU D 10 35.44 13.52 8.26
C LEU D 10 36.16 12.24 8.66
N PHE D 11 37.35 11.96 8.14
CA PHE D 11 37.97 10.66 8.35
C PHE D 11 39.40 10.67 8.88
N ASN D 12 40.17 11.74 8.69
CA ASN D 12 41.58 11.71 9.10
C ASN D 12 41.70 11.71 10.61
N LYS D 13 42.29 10.64 11.15
CA LYS D 13 42.54 10.50 12.58
C LYS D 13 43.87 11.13 12.96
N GLU E 1 -11.60 -16.16 -20.76
CA GLU E 1 -10.76 -15.86 -21.92
C GLU E 1 -10.67 -14.36 -22.17
N VAL E 2 -11.81 -13.66 -22.08
CA VAL E 2 -11.80 -12.22 -22.27
C VAL E 2 -11.20 -11.53 -21.05
N GLN E 3 -10.55 -10.41 -21.28
CA GLN E 3 -9.92 -9.64 -20.23
C GLN E 3 -10.09 -8.15 -20.49
N LEU E 4 -10.19 -7.39 -19.41
CA LEU E 4 -10.17 -5.93 -19.47
C LEU E 4 -9.10 -5.44 -18.50
N VAL E 5 -8.10 -4.75 -19.03
CA VAL E 5 -6.97 -4.29 -18.23
C VAL E 5 -6.79 -2.79 -18.48
N GLN E 6 -6.94 -2.00 -17.43
CA GLN E 6 -6.86 -0.54 -17.53
C GLN E 6 -5.46 -0.05 -17.18
N SER E 7 -5.16 1.17 -17.62
CA SER E 7 -3.90 1.80 -17.28
C SER E 7 -3.88 2.20 -15.81
N GLY E 8 -2.68 2.49 -15.31
CA GLY E 8 -2.47 2.77 -13.90
C GLY E 8 -2.99 4.13 -13.47
N PRO E 9 -2.93 4.40 -12.16
CA PRO E 9 -3.44 5.69 -11.65
C PRO E 9 -2.63 6.85 -12.19
N GLU E 10 -3.26 8.02 -12.23
CA GLU E 10 -2.60 9.22 -12.71
C GLU E 10 -3.06 10.44 -11.94
N VAL E 11 -2.11 11.33 -11.65
CA VAL E 11 -2.39 12.64 -11.10
C VAL E 11 -2.37 13.65 -12.24
N LYS E 12 -3.40 14.48 -12.33
CA LYS E 12 -3.53 15.47 -13.39
C LYS E 12 -3.81 16.83 -12.79
N LYS E 13 -3.22 17.87 -13.38
CA LYS E 13 -3.50 19.21 -12.89
C LYS E 13 -4.83 19.71 -13.47
N PRO E 14 -5.51 20.61 -12.76
CA PRO E 14 -6.73 21.22 -13.31
C PRO E 14 -6.46 21.87 -14.67
N GLY E 15 -7.41 21.72 -15.57
CA GLY E 15 -7.29 22.27 -16.91
C GLY E 15 -6.72 21.32 -17.94
N THR E 16 -6.04 20.26 -17.51
CA THR E 16 -5.45 19.31 -18.43
C THR E 16 -6.49 18.27 -18.84
N SER E 17 -6.05 17.30 -19.65
CA SER E 17 -6.90 16.22 -20.12
C SER E 17 -6.32 14.90 -19.62
N ALA E 18 -7.21 14.02 -19.16
CA ALA E 18 -6.82 12.68 -18.71
C ALA E 18 -7.20 11.67 -19.79
N ARG E 19 -6.26 10.81 -20.14
CA ARG E 19 -6.51 9.71 -21.06
C ARG E 19 -6.35 8.41 -20.30
N VAL E 20 -7.38 7.56 -20.32
CA VAL E 20 -7.37 6.26 -19.66
C VAL E 20 -7.53 5.19 -20.72
N SER E 21 -6.67 4.17 -20.68
CA SER E 21 -6.68 3.10 -21.66
C SER E 21 -7.32 1.85 -21.08
N CYS E 22 -7.91 1.03 -21.94
N CYS E 22 -7.87 1.02 -21.97
CA CYS E 22 -8.57 -0.20 -21.52
CA CYS E 22 -8.61 -0.18 -21.57
C CYS E 22 -8.36 -1.22 -22.63
C CYS E 22 -8.38 -1.24 -22.66
N LYS E 23 -7.47 -2.18 -22.37
CA LYS E 23 -7.21 -3.26 -23.32
C LYS E 23 -8.33 -4.28 -23.19
N ALA E 24 -9.12 -4.42 -24.25
CA ALA E 24 -10.29 -5.29 -24.27
C ALA E 24 -10.01 -6.41 -25.26
N SER E 25 -9.65 -7.58 -24.73
CA SER E 25 -9.24 -8.71 -25.54
C SER E 25 -10.32 -9.77 -25.57
N GLY E 26 -10.56 -10.34 -26.75
CA GLY E 26 -11.46 -11.47 -26.90
C GLY E 26 -12.91 -11.14 -27.19
N PHE E 27 -13.22 -9.90 -27.54
CA PHE E 27 -14.60 -9.48 -27.80
C PHE E 27 -14.80 -9.42 -29.32
N THR E 28 -15.38 -10.48 -29.87
CA THR E 28 -15.59 -10.59 -31.31
C THR E 28 -17.06 -10.53 -31.71
N SER E 29 -17.98 -10.43 -30.75
CA SER E 29 -19.39 -10.30 -31.10
C SER E 29 -19.67 -8.93 -31.71
N LYS E 30 -20.51 -8.92 -32.75
CA LYS E 30 -20.86 -7.66 -33.41
C LYS E 30 -21.58 -6.71 -32.45
N ASN E 31 -22.38 -7.24 -31.53
CA ASN E 31 -23.15 -6.41 -30.60
C ASN E 31 -22.37 -6.27 -29.30
N THR E 32 -21.28 -5.51 -29.38
CA THR E 32 -20.43 -5.23 -28.22
C THR E 32 -20.23 -3.72 -28.09
N ALA E 33 -20.43 -3.22 -26.88
CA ALA E 33 -20.15 -1.83 -26.55
C ALA E 33 -19.13 -1.78 -25.42
N LEU E 34 -18.22 -0.80 -25.51
CA LEU E 34 -17.27 -0.50 -24.46
C LEU E 34 -17.69 0.80 -23.81
N GLN E 35 -18.06 0.74 -22.54
CA GLN E 35 -18.57 1.89 -21.81
C GLN E 35 -17.57 2.34 -20.76
N TRP E 36 -17.72 3.60 -20.34
CA TRP E 36 -16.90 4.17 -19.29
C TRP E 36 -17.80 4.66 -18.16
N VAL E 37 -17.46 4.29 -16.94
CA VAL E 37 -18.24 4.59 -15.75
C VAL E 37 -17.27 5.07 -14.69
N ARG E 38 -17.60 6.18 -14.03
CA ARG E 38 -16.72 6.71 -13.00
C ARG E 38 -17.45 6.71 -11.67
N GLN E 39 -16.67 6.81 -10.60
CA GLN E 39 -17.22 6.77 -9.25
C GLN E 39 -16.30 7.55 -8.33
N ALA E 40 -16.79 8.67 -7.80
CA ALA E 40 -16.05 9.40 -6.78
C ALA E 40 -16.23 8.72 -5.43
N ARG E 41 -15.32 9.04 -4.51
CA ARG E 41 -15.31 8.40 -3.20
C ARG E 41 -16.67 8.54 -2.51
N GLY E 42 -17.23 7.40 -2.11
CA GLY E 42 -18.51 7.36 -1.42
C GLY E 42 -19.72 7.72 -2.25
N GLN E 43 -19.56 7.96 -3.55
CA GLN E 43 -20.59 8.39 -4.47
C GLN E 43 -21.09 7.24 -5.33
N PRO E 44 -22.24 7.39 -5.97
CA PRO E 44 -22.76 6.32 -6.84
C PRO E 44 -21.98 6.22 -8.14
N LEU E 45 -22.18 5.08 -8.82
CA LEU E 45 -21.66 4.91 -10.16
C LEU E 45 -22.28 5.94 -11.10
N GLU E 46 -21.48 6.46 -12.01
CA GLU E 46 -21.93 7.47 -12.97
C GLU E 46 -21.57 7.03 -14.37
N TRP E 47 -22.57 6.74 -15.18
CA TRP E 47 -22.35 6.34 -16.56
C TRP E 47 -21.91 7.54 -17.39
N MET E 48 -20.76 7.42 -18.06
CA MET E 48 -20.21 8.53 -18.84
C MET E 48 -20.52 8.41 -20.32
N GLY E 49 -20.43 7.22 -20.88
CA GLY E 49 -20.68 7.04 -22.29
C GLY E 49 -20.22 5.67 -22.74
N TRP E 50 -20.47 5.38 -24.02
CA TRP E 50 -20.00 4.12 -24.59
C TRP E 50 -19.74 4.30 -26.07
N ILE E 51 -19.07 3.30 -26.66
CA ILE E 51 -18.85 3.24 -28.09
C ILE E 51 -19.22 1.83 -28.55
N ASP E 52 -19.97 1.76 -29.64
CA ASP E 52 -20.23 0.49 -30.32
C ASP E 52 -18.99 0.14 -31.11
N ILE E 53 -18.26 -0.90 -30.68
CA ILE E 53 -16.97 -1.20 -31.29
C ILE E 53 -17.09 -1.86 -32.66
N SER E 54 -18.31 -2.12 -33.13
CA SER E 54 -18.48 -2.63 -34.49
C SER E 54 -18.61 -1.51 -35.51
N ASN E 55 -19.16 -0.36 -35.12
CA ASN E 55 -19.39 0.73 -36.04
C ASN E 55 -18.95 2.09 -35.50
N TYR E 56 -18.32 2.13 -34.33
CA TYR E 56 -17.72 3.33 -33.76
C TYR E 56 -18.74 4.41 -33.43
N ILE E 57 -20.02 4.06 -33.36
CA ILE E 57 -21.02 5.02 -32.93
C ILE E 57 -20.92 5.22 -31.43
N THR E 58 -20.81 6.48 -30.99
CA THR E 58 -20.66 6.80 -29.58
C THR E 58 -21.96 7.37 -29.02
N ASN E 59 -22.07 7.28 -27.69
CA ASN E 59 -23.17 7.89 -26.94
C ASN E 59 -22.55 8.42 -25.65
N TYR E 60 -22.49 9.74 -25.51
CA TYR E 60 -21.95 10.37 -24.32
C TYR E 60 -23.09 10.89 -23.44
N ALA E 61 -22.97 10.67 -22.13
CA ALA E 61 -23.93 11.26 -21.20
C ALA E 61 -23.88 12.78 -21.32
N GLN E 62 -25.03 13.41 -21.10
CA GLN E 62 -25.19 14.84 -21.41
C GLN E 62 -24.17 15.70 -20.68
N LYS E 63 -23.91 15.43 -19.41
CA LYS E 63 -23.02 16.30 -18.64
C LYS E 63 -21.58 16.25 -19.14
N PHE E 64 -21.22 15.25 -19.94
CA PHE E 64 -19.85 15.12 -20.43
C PHE E 64 -19.70 15.48 -21.90
N ARG E 65 -20.77 15.85 -22.58
CA ARG E 65 -20.69 16.21 -23.99
C ARG E 65 -19.87 17.48 -24.15
N GLY E 66 -18.91 17.47 -25.09
CA GLY E 66 -17.99 18.55 -25.26
C GLY E 66 -16.69 18.41 -24.50
N ARG E 67 -16.62 17.49 -23.53
CA ARG E 67 -15.42 17.23 -22.75
C ARG E 67 -14.91 15.80 -22.87
N LEU E 68 -15.70 14.88 -23.38
CA LEU E 68 -15.39 13.46 -23.35
C LEU E 68 -15.31 12.90 -24.76
N THR E 69 -14.29 12.09 -25.00
CA THR E 69 -14.14 11.35 -26.24
C THR E 69 -13.84 9.89 -25.91
N ILE E 70 -14.53 8.97 -26.56
CA ILE E 70 -14.29 7.55 -26.41
C ILE E 70 -13.88 6.98 -27.76
N THR E 71 -12.75 6.27 -27.80
CA THR E 71 -12.22 5.73 -29.05
C THR E 71 -11.96 4.24 -28.90
N TRP E 72 -12.00 3.54 -30.03
CA TRP E 72 -11.74 2.10 -30.09
C TRP E 72 -10.66 1.83 -31.13
N ASP E 73 -9.59 1.18 -30.71
CA ASP E 73 -8.46 0.79 -31.57
C ASP E 73 -8.52 -0.73 -31.71
N LEU E 74 -9.13 -1.22 -32.80
CA LEU E 74 -9.31 -2.67 -32.96
C LEU E 74 -7.98 -3.40 -33.08
N SER E 75 -7.04 -2.86 -33.87
CA SER E 75 -5.79 -3.58 -34.11
C SER E 75 -5.02 -3.84 -32.81
N ALA E 76 -5.13 -2.94 -31.84
CA ALA E 76 -4.49 -3.10 -30.55
C ALA E 76 -5.45 -3.58 -29.47
N SER E 77 -6.73 -3.78 -29.81
CA SER E 77 -7.77 -4.15 -28.85
C SER E 77 -7.82 -3.17 -27.68
N MET E 78 -7.64 -1.89 -27.98
CA MET E 78 -7.51 -0.87 -26.95
C MET E 78 -8.67 0.12 -27.06
N ALA E 79 -9.38 0.32 -25.95
CA ALA E 79 -10.36 1.39 -25.83
C ALA E 79 -9.74 2.53 -25.01
N TYR E 80 -10.15 3.75 -25.32
CA TYR E 80 -9.67 4.93 -24.60
C TYR E 80 -10.85 5.83 -24.24
N MET E 81 -10.72 6.50 -23.11
CA MET E 81 -11.53 7.66 -22.79
C MET E 81 -10.60 8.84 -22.57
N GLU E 82 -11.00 10.01 -23.06
CA GLU E 82 -10.26 11.25 -22.81
C GLU E 82 -11.22 12.28 -22.25
N LEU E 83 -10.92 12.77 -21.05
CA LEU E 83 -11.73 13.78 -20.38
C LEU E 83 -10.89 15.04 -20.27
N SER E 84 -11.34 16.10 -20.95
CA SER E 84 -10.58 17.34 -21.03
C SER E 84 -11.11 18.35 -20.02
N SER E 85 -10.38 19.46 -19.89
CA SER E 85 -10.71 20.55 -18.96
C SER E 85 -11.03 19.98 -17.57
N LEU E 86 -10.09 19.19 -17.06
CA LEU E 86 -10.30 18.49 -15.79
C LEU E 86 -10.52 19.49 -14.66
N ARG E 87 -11.43 19.15 -13.75
CA ARG E 87 -11.69 19.92 -12.55
C ARG E 87 -11.50 19.01 -11.34
N SER E 88 -11.49 19.63 -10.16
CA SER E 88 -11.32 18.88 -8.92
C SER E 88 -12.38 17.80 -8.79
N GLU E 89 -13.62 18.11 -9.14
CA GLU E 89 -14.72 17.16 -9.02
C GLU E 89 -14.56 15.95 -9.93
N ASP E 90 -13.71 16.02 -10.95
CA ASP E 90 -13.45 14.87 -11.80
C ASP E 90 -12.59 13.80 -11.12
N THR E 91 -12.04 14.07 -9.93
CA THR E 91 -11.32 13.04 -9.19
C THR E 91 -12.24 11.87 -8.90
N ALA E 92 -11.88 10.69 -9.41
CA ALA E 92 -12.72 9.51 -9.29
C ALA E 92 -11.96 8.30 -9.81
N VAL E 93 -12.52 7.13 -9.55
CA VAL E 93 -12.10 5.91 -10.20
C VAL E 93 -12.89 5.74 -11.48
N TYR E 94 -12.20 5.55 -12.59
CA TYR E 94 -12.82 5.40 -13.90
C TYR E 94 -12.75 3.93 -14.30
N TYR E 95 -13.91 3.35 -14.61
CA TYR E 95 -14.02 1.95 -14.99
C TYR E 95 -14.39 1.81 -16.47
N CYS E 96 -13.72 0.90 -17.16
N CYS E 96 -13.76 0.83 -17.11
CA CYS E 96 -14.21 0.46 -18.45
CA CYS E 96 -14.10 0.38 -18.44
C CYS E 96 -14.99 -0.82 -18.27
C CYS E 96 -14.90 -0.92 -18.34
N ALA E 97 -15.91 -1.08 -19.19
CA ALA E 97 -16.74 -2.26 -19.15
C ALA E 97 -17.20 -2.62 -20.54
N ALA E 98 -17.22 -3.92 -20.83
CA ALA E 98 -17.72 -4.44 -22.09
C ALA E 98 -19.08 -5.09 -21.84
N VAL E 99 -20.08 -4.67 -22.62
CA VAL E 99 -21.43 -5.18 -22.51
C VAL E 99 -21.94 -5.50 -23.91
N GLY E 100 -22.92 -6.40 -23.96
CA GLY E 100 -23.52 -6.77 -25.23
C GLY E 100 -24.09 -8.17 -25.14
N LYS E 101 -24.38 -8.73 -26.32
CA LYS E 101 -24.93 -10.07 -26.42
C LYS E 101 -24.11 -10.92 -27.38
N ASP E 102 -23.94 -12.19 -27.02
CA ASP E 102 -23.28 -13.18 -27.84
C ASP E 102 -24.32 -14.10 -28.48
N ASP E 103 -24.00 -14.57 -29.67
CA ASP E 103 -24.72 -15.69 -30.26
C ASP E 103 -24.23 -16.96 -29.59
N ASP E 104 -25.05 -17.54 -28.70
CA ASP E 104 -24.65 -18.73 -27.96
C ASP E 104 -24.93 -19.97 -28.81
N VAL E 105 -23.90 -20.44 -29.53
CA VAL E 105 -24.04 -21.60 -30.40
C VAL E 105 -24.28 -22.88 -29.63
N LEU E 106 -23.93 -22.92 -28.34
CA LEU E 106 -24.15 -24.11 -27.53
C LEU E 106 -25.64 -24.35 -27.34
N THR E 107 -26.36 -23.37 -26.82
CA THR E 107 -27.78 -23.49 -26.53
C THR E 107 -28.67 -23.08 -27.70
N GLY E 108 -28.12 -22.40 -28.69
CA GLY E 108 -28.92 -21.85 -29.77
C GLY E 108 -29.57 -20.52 -29.47
N GLY E 109 -29.30 -19.93 -28.30
CA GLY E 109 -29.88 -18.67 -27.92
C GLY E 109 -28.88 -17.54 -27.93
N ASN E 110 -29.21 -16.47 -27.22
CA ASN E 110 -28.33 -15.33 -27.05
C ASN E 110 -27.84 -15.28 -25.61
N LYS E 111 -26.67 -14.70 -25.41
CA LYS E 111 -26.07 -14.59 -24.09
C LYS E 111 -25.65 -13.15 -23.86
N TYR E 112 -26.27 -12.49 -22.88
CA TYR E 112 -25.77 -11.19 -22.45
C TYR E 112 -24.49 -11.37 -21.67
N PHE E 113 -23.51 -10.52 -21.94
CA PHE E 113 -22.24 -10.54 -21.22
C PHE E 113 -21.97 -9.17 -20.61
N ASP E 114 -21.12 -9.17 -19.58
CA ASP E 114 -20.94 -8.00 -18.73
C ASP E 114 -19.60 -8.17 -18.02
N HIS E 115 -18.59 -7.41 -18.44
CA HIS E 115 -17.25 -7.52 -17.89
C HIS E 115 -16.72 -6.13 -17.58
N TRP E 116 -15.94 -6.02 -16.50
CA TRP E 116 -15.44 -4.74 -16.02
C TRP E 116 -13.94 -4.77 -15.83
N GLY E 117 -13.29 -3.65 -16.15
CA GLY E 117 -11.89 -3.47 -15.81
C GLY E 117 -11.71 -3.26 -14.32
N GLN E 118 -10.44 -3.19 -13.90
CA GLN E 118 -10.15 -3.01 -12.49
C GLN E 118 -10.32 -1.56 -12.02
N GLY E 119 -10.47 -0.62 -12.93
CA GLY E 119 -10.61 0.77 -12.52
C GLY E 119 -9.28 1.50 -12.53
N THR E 120 -9.37 2.81 -12.77
CA THR E 120 -8.21 3.69 -12.84
C THR E 120 -8.50 4.94 -12.01
N LEU E 121 -7.70 5.19 -10.99
CA LEU E 121 -7.88 6.36 -10.14
C LEU E 121 -7.24 7.57 -10.82
N VAL E 122 -8.06 8.55 -11.18
CA VAL E 122 -7.60 9.83 -11.72
C VAL E 122 -7.75 10.88 -10.63
N THR E 123 -6.63 11.44 -10.17
CA THR E 123 -6.61 12.45 -9.13
C THR E 123 -6.32 13.80 -9.75
N VAL E 124 -7.27 14.72 -9.65
CA VAL E 124 -7.13 16.06 -10.21
C VAL E 124 -6.72 17.00 -9.09
N SER E 125 -5.48 17.48 -9.14
CA SER E 125 -4.97 18.36 -8.10
C SER E 125 -3.76 19.11 -8.64
N SER E 126 -3.67 20.39 -8.29
CA SER E 126 -2.54 21.23 -8.66
C SER E 126 -1.38 21.15 -7.68
N ALA E 127 -1.52 20.34 -6.63
CA ALA E 127 -0.56 20.35 -5.54
C ALA E 127 0.76 19.71 -5.94
N SER E 128 1.83 20.18 -5.32
CA SER E 128 3.12 19.51 -5.34
C SER E 128 3.27 18.70 -4.06
N THR E 129 4.34 17.91 -4.00
CA THR E 129 4.60 17.10 -2.81
C THR E 129 4.71 18.00 -1.59
N LYS E 130 3.93 17.69 -0.56
CA LYS E 130 3.88 18.54 0.63
C LYS E 130 3.65 17.66 1.85
N GLY E 131 4.47 17.87 2.89
CA GLY E 131 4.30 17.18 4.14
C GLY E 131 3.13 17.74 4.93
N PRO E 132 2.58 16.95 5.83
CA PRO E 132 1.40 17.39 6.58
C PRO E 132 1.76 18.26 7.76
N SER E 133 0.77 19.03 8.20
CA SER E 133 0.78 19.66 9.51
C SER E 133 0.01 18.75 10.46
N VAL E 134 0.53 18.59 11.68
CA VAL E 134 -0.06 17.69 12.66
C VAL E 134 -0.55 18.51 13.84
N PHE E 135 -1.86 18.52 14.04
CA PHE E 135 -2.46 19.30 15.11
C PHE E 135 -3.14 18.38 16.12
N PRO E 136 -3.02 18.68 17.41
CA PRO E 136 -3.63 17.82 18.43
C PRO E 136 -5.13 18.02 18.51
N LEU E 137 -5.83 16.93 18.82
CA LEU E 137 -7.26 16.95 19.12
C LEU E 137 -7.40 16.63 20.60
N ALA E 138 -7.43 17.67 21.43
CA ALA E 138 -7.29 17.49 22.87
C ALA E 138 -8.63 17.12 23.50
N PRO E 139 -8.64 16.17 24.42
CA PRO E 139 -9.85 15.87 25.18
C PRO E 139 -9.99 16.78 26.40
N SER E 140 -11.20 16.80 26.93
CA SER E 140 -11.50 17.53 28.16
C SER E 140 -11.39 16.57 29.34
N SER E 141 -10.51 16.87 30.28
CA SER E 141 -10.34 16.05 31.46
C SER E 141 -11.54 16.22 32.41
N GLY E 147 -16.86 6.69 31.26
CA GLY E 147 -15.64 7.19 31.85
C GLY E 147 -14.46 7.15 30.91
N THR E 148 -14.72 7.26 29.61
CA THR E 148 -13.68 7.28 28.59
C THR E 148 -13.64 8.63 27.91
N ALA E 149 -12.50 8.91 27.27
CA ALA E 149 -12.30 10.16 26.55
C ALA E 149 -11.68 9.87 25.19
N ALA E 150 -12.10 10.62 24.19
CA ALA E 150 -11.57 10.51 22.83
C ALA E 150 -10.54 11.62 22.61
N LEU E 151 -9.39 11.25 22.05
CA LEU E 151 -8.35 12.20 21.68
C LEU E 151 -7.75 11.75 20.36
N GLY E 152 -7.06 12.67 19.68
CA GLY E 152 -6.48 12.30 18.41
C GLY E 152 -5.55 13.36 17.88
N CYS E 153 -5.19 13.20 16.60
CA CYS E 153 -4.41 14.22 15.92
CA CYS E 153 -4.33 14.13 15.87
C CYS E 153 -4.93 14.39 14.50
N LEU E 154 -4.93 15.65 14.08
CA LEU E 154 -5.37 16.05 12.75
C LEU E 154 -4.15 16.15 11.85
N VAL E 155 -4.14 15.36 10.79
CA VAL E 155 -3.04 15.30 9.83
C VAL E 155 -3.54 16.01 8.58
N LYS E 156 -3.21 17.29 8.45
CA LYS E 156 -3.84 18.17 7.48
CA LYS E 156 -3.84 18.16 7.46
C LYS E 156 -2.87 18.58 6.37
N ASP E 157 -3.41 18.70 5.16
CA ASP E 157 -2.76 19.38 4.03
C ASP E 157 -1.45 18.71 3.62
N TYR E 158 -1.57 17.49 3.11
CA TYR E 158 -0.41 16.79 2.57
C TYR E 158 -0.73 16.28 1.17
N PHE E 159 0.34 15.94 0.42
CA PHE E 159 0.19 15.42 -0.93
C PHE E 159 1.50 14.76 -1.32
N PRO E 160 1.47 13.57 -1.94
CA PRO E 160 0.26 12.79 -2.18
C PRO E 160 -0.02 11.85 -1.03
N GLU E 161 -0.90 10.88 -1.25
CA GLU E 161 -1.05 9.78 -0.30
C GLU E 161 0.17 8.86 -0.39
N PRO E 162 0.44 8.05 0.65
CA PRO E 162 -0.29 7.93 1.90
C PRO E 162 0.42 8.52 3.12
N VAL E 163 -0.31 8.57 4.22
CA VAL E 163 0.25 8.84 5.54
C VAL E 163 -0.03 7.64 6.42
N THR E 164 0.93 7.27 7.25
CA THR E 164 0.72 6.29 8.30
C THR E 164 0.72 7.00 9.65
N VAL E 165 -0.05 6.46 10.58
CA VAL E 165 -0.11 7.00 11.93
C VAL E 165 -0.03 5.85 12.92
N SER E 166 0.78 6.03 13.96
CA SER E 166 0.81 5.13 15.09
C SER E 166 0.68 5.96 16.36
N TRP E 167 0.40 5.29 17.48
CA TRP E 167 0.28 5.95 18.77
C TRP E 167 1.29 5.36 19.74
N ASN E 168 2.04 6.24 20.41
CA ASN E 168 3.07 5.85 21.37
C ASN E 168 4.04 4.83 20.77
N SER E 169 4.49 5.12 19.54
CA SER E 169 5.46 4.29 18.84
C SER E 169 4.98 2.86 18.68
N GLY E 170 3.68 2.69 18.48
CA GLY E 170 3.08 1.39 18.29
C GLY E 170 2.70 0.65 19.55
N ALA E 171 3.03 1.18 20.73
CA ALA E 171 2.67 0.51 21.97
C ALA E 171 1.18 0.62 22.27
N LEU E 172 0.51 1.66 21.74
CA LEU E 172 -0.92 1.87 21.96
C LEU E 172 -1.64 1.49 20.67
N THR E 173 -2.46 0.44 20.73
CA THR E 173 -3.19 -0.02 19.55
C THR E 173 -4.67 -0.17 19.84
N SER E 174 -5.02 -0.52 21.08
CA SER E 174 -6.41 -0.74 21.43
C SER E 174 -7.18 0.59 21.46
N GLY E 175 -8.37 0.58 20.87
CA GLY E 175 -9.18 1.77 20.79
C GLY E 175 -8.71 2.80 19.78
N VAL E 176 -7.73 2.46 18.96
CA VAL E 176 -7.19 3.36 17.94
C VAL E 176 -7.99 3.22 16.66
N HIS E 177 -8.29 4.34 16.02
CA HIS E 177 -8.88 4.32 14.69
C HIS E 177 -8.27 5.45 13.86
N THR E 178 -7.66 5.10 12.74
CA THR E 178 -7.13 6.07 11.78
C THR E 178 -8.07 6.08 10.58
N PHE E 179 -8.60 7.26 10.26
CA PHE E 179 -9.59 7.39 9.22
C PHE E 179 -8.96 7.47 7.84
N PRO E 180 -9.71 7.11 6.80
CA PRO E 180 -9.25 7.38 5.43
C PRO E 180 -9.20 8.88 5.19
N ALA E 181 -8.36 9.25 4.23
CA ALA E 181 -8.16 10.65 3.92
C ALA E 181 -9.30 11.19 3.07
N VAL E 182 -9.46 12.51 3.12
CA VAL E 182 -10.33 13.23 2.19
C VAL E 182 -9.46 14.14 1.35
N LEU E 183 -9.81 14.28 0.08
CA LEU E 183 -9.18 15.24 -0.80
C LEU E 183 -9.97 16.53 -0.76
N GLN E 184 -9.33 17.60 -0.33
CA GLN E 184 -10.00 18.88 -0.12
C GLN E 184 -10.00 19.71 -1.40
N SER E 185 -10.82 20.76 -1.39
CA SER E 185 -10.91 21.65 -2.55
C SER E 185 -9.58 22.31 -2.87
N SER E 186 -8.66 22.39 -1.90
CA SER E 186 -7.31 22.89 -2.13
C SER E 186 -6.44 21.89 -2.89
N GLY E 187 -6.93 20.70 -3.17
CA GLY E 187 -6.10 19.68 -3.78
C GLY E 187 -5.16 18.96 -2.83
N LEU E 188 -5.32 19.16 -1.52
CA LEU E 188 -4.49 18.50 -0.52
C LEU E 188 -5.34 17.53 0.30
N TYR E 189 -4.69 16.49 0.80
CA TYR E 189 -5.37 15.50 1.62
C TYR E 189 -5.34 15.89 3.09
N SER E 190 -6.30 15.35 3.84
CA SER E 190 -6.34 15.47 5.29
C SER E 190 -6.97 14.22 5.86
N LEU E 191 -6.45 13.77 7.00
CA LEU E 191 -7.05 12.66 7.71
C LEU E 191 -6.89 12.89 9.21
N SER E 192 -7.55 12.04 9.98
CA SER E 192 -7.48 12.06 11.43
C SER E 192 -7.23 10.66 11.95
N SER E 193 -6.60 10.59 13.10
CA SER E 193 -6.45 9.35 13.85
C SER E 193 -6.87 9.63 15.27
N VAL E 194 -7.73 8.77 15.82
CA VAL E 194 -8.25 8.96 17.16
C VAL E 194 -8.02 7.71 17.98
N VAL E 195 -8.01 7.87 19.29
CA VAL E 195 -7.92 6.76 20.23
C VAL E 195 -8.78 7.10 21.44
N THR E 196 -9.54 6.11 21.89
CA THR E 196 -10.38 6.25 23.07
C THR E 196 -9.66 5.64 24.26
N VAL E 197 -9.49 6.44 25.32
CA VAL E 197 -8.72 6.03 26.48
C VAL E 197 -9.55 6.26 27.73
N PRO E 198 -9.18 5.64 28.85
CA PRO E 198 -9.86 5.95 30.11
C PRO E 198 -9.59 7.39 30.53
N SER E 199 -10.65 8.07 30.98
CA SER E 199 -10.50 9.46 31.41
C SER E 199 -9.50 9.57 32.56
N SER E 200 -9.48 8.58 33.46
CA SER E 200 -8.57 8.61 34.59
C SER E 200 -7.10 8.60 34.17
N SER E 201 -6.80 8.15 32.94
CA SER E 201 -5.42 8.11 32.49
C SER E 201 -4.92 9.45 31.96
N LEU E 202 -5.82 10.36 31.62
CA LEU E 202 -5.42 11.66 31.10
C LEU E 202 -4.58 12.42 32.12
N GLY E 203 -3.47 13.01 31.66
CA GLY E 203 -2.58 13.74 32.52
C GLY E 203 -1.51 12.91 33.19
N THR E 204 -1.69 11.59 33.27
CA THR E 204 -0.65 10.68 33.76
C THR E 204 0.00 9.88 32.63
N GLN E 205 -0.80 9.24 31.80
CA GLN E 205 -0.29 8.56 30.61
C GLN E 205 -0.05 9.56 29.49
N THR E 206 1.15 9.55 28.91
CA THR E 206 1.45 10.40 27.77
C THR E 206 0.93 9.75 26.50
N TYR E 207 0.26 10.56 25.66
CA TYR E 207 -0.26 10.09 24.38
C TYR E 207 0.40 10.88 23.26
N ILE E 208 1.08 10.18 22.36
CA ILE E 208 1.80 10.78 21.25
C ILE E 208 1.42 10.04 19.97
N CYS E 209 1.03 10.79 18.95
CA CYS E 209 0.76 10.19 17.65
CA CYS E 209 0.75 10.23 17.63
C CYS E 209 1.98 10.39 16.76
N ASN E 210 2.37 9.33 16.06
CA ASN E 210 3.56 9.31 15.23
C ASN E 210 3.12 9.30 13.77
N VAL E 211 3.39 10.38 13.05
CA VAL E 211 2.92 10.58 11.69
C VAL E 211 4.09 10.47 10.74
N ASN E 212 3.94 9.62 9.72
CA ASN E 212 4.95 9.44 8.68
C ASN E 212 4.35 9.76 7.33
N HIS E 213 5.01 10.64 6.57
CA HIS E 213 4.66 10.94 5.19
C HIS E 213 5.91 10.73 4.37
N LYS E 214 6.09 9.49 3.88
CA LYS E 214 7.30 9.14 3.13
C LYS E 214 7.54 10.02 1.90
N PRO E 215 6.54 10.38 1.08
CA PRO E 215 6.85 11.15 -0.13
C PRO E 215 7.54 12.47 0.13
N SER E 216 7.30 13.10 1.29
CA SER E 216 7.99 14.32 1.68
C SER E 216 9.07 14.08 2.72
N ASN E 217 9.38 12.81 3.01
CA ASN E 217 10.37 12.45 4.03
C ASN E 217 10.06 13.14 5.35
N THR E 218 8.78 13.19 5.70
CA THR E 218 8.30 13.90 6.88
C THR E 218 7.96 12.90 7.99
N LYS E 219 8.50 13.15 9.19
CA LYS E 219 8.13 12.40 10.39
C LYS E 219 7.84 13.41 11.49
N VAL E 220 6.64 13.31 12.08
CA VAL E 220 6.22 14.21 13.15
C VAL E 220 5.64 13.39 14.28
N ASP E 221 6.10 13.65 15.51
CA ASP E 221 5.51 13.13 16.72
C ASP E 221 4.82 14.26 17.45
N LYS E 222 3.51 14.16 17.65
CA LYS E 222 2.75 15.20 18.30
C LYS E 222 2.18 14.68 19.61
N ARG E 223 2.56 15.31 20.71
CA ARG E 223 2.01 14.97 22.02
C ARG E 223 0.65 15.65 22.19
N VAL E 224 -0.36 14.85 22.53
CA VAL E 224 -1.72 15.32 22.71
C VAL E 224 -2.01 15.34 24.21
N GLU E 225 -2.20 16.55 24.75
CA GLU E 225 -2.42 16.75 26.16
C GLU E 225 -3.87 17.15 26.44
N PRO E 226 -4.42 16.73 27.57
CA PRO E 226 -5.80 17.13 27.91
C PRO E 226 -5.92 18.61 28.19
N LYS E 227 -7.14 19.12 27.99
CA LYS E 227 -7.47 20.47 28.41
C LYS E 227 -8.04 20.44 29.82
N SER E 228 -7.76 21.51 30.57
CA SER E 228 -8.33 21.66 31.91
C SER E 228 -9.73 22.23 31.89
N CYS E 229 -10.12 22.90 30.82
CA CYS E 229 -11.43 23.52 30.71
C CYS E 229 -12.50 22.46 30.39
N TYR F 2 -31.50 11.56 -16.69
CA TYR F 2 -32.40 10.53 -16.19
C TYR F 2 -32.01 10.10 -14.78
N GLU F 3 -32.99 10.02 -13.89
CA GLU F 3 -32.74 9.73 -12.49
C GLU F 3 -33.46 8.44 -12.08
N LEU F 4 -32.74 7.57 -11.40
CA LEU F 4 -33.27 6.33 -10.84
C LEU F 4 -33.09 6.39 -9.33
N THR F 5 -34.20 6.30 -8.59
CA THR F 5 -34.20 6.53 -7.15
C THR F 5 -34.25 5.20 -6.40
N GLN F 6 -33.31 5.01 -5.48
CA GLN F 6 -33.20 3.85 -4.60
C GLN F 6 -33.20 4.31 -3.15
N PRO F 7 -33.66 3.48 -2.22
CA PRO F 7 -33.48 3.78 -0.80
C PRO F 7 -32.00 3.77 -0.44
N PRO F 8 -31.54 4.74 0.35
CA PRO F 8 -30.10 4.80 0.66
C PRO F 8 -29.54 3.57 1.35
N SER F 9 -30.32 2.94 2.24
CA SER F 9 -29.80 1.81 3.00
C SER F 9 -30.94 0.87 3.36
N VAL F 10 -30.65 -0.43 3.37
CA VAL F 10 -31.58 -1.46 3.77
C VAL F 10 -30.87 -2.43 4.70
N SER F 11 -31.53 -2.81 5.78
CA SER F 11 -31.02 -3.81 6.71
C SER F 11 -31.86 -5.09 6.59
N VAL F 12 -31.18 -6.22 6.74
CA VAL F 12 -31.84 -7.52 6.63
C VAL F 12 -31.15 -8.50 7.55
N SER F 13 -31.95 -9.32 8.24
CA SER F 13 -31.40 -10.40 9.04
C SER F 13 -30.87 -11.50 8.11
N PRO F 14 -29.82 -12.21 8.53
CA PRO F 14 -29.39 -13.38 7.75
C PRO F 14 -30.52 -14.38 7.61
N GLY F 15 -30.72 -14.85 6.36
CA GLY F 15 -31.73 -15.84 6.06
C GLY F 15 -33.10 -15.30 5.70
N GLN F 16 -33.36 -14.02 5.90
CA GLN F 16 -34.63 -13.45 5.50
C GLN F 16 -34.49 -12.68 4.19
N THR F 17 -35.61 -12.15 3.70
CA THR F 17 -35.69 -11.59 2.36
C THR F 17 -35.44 -10.08 2.36
N ALA F 18 -34.52 -9.63 1.50
CA ALA F 18 -34.24 -8.22 1.29
C ALA F 18 -34.84 -7.78 -0.03
N ARG F 19 -35.43 -6.58 -0.03
CA ARG F 19 -36.02 -6.01 -1.24
C ARG F 19 -35.47 -4.60 -1.44
N ILE F 20 -34.95 -4.34 -2.64
CA ILE F 20 -34.37 -3.05 -2.98
C ILE F 20 -35.10 -2.53 -4.22
N THR F 21 -35.75 -1.38 -4.07
CA THR F 21 -36.56 -0.79 -5.13
C THR F 21 -35.76 0.23 -5.92
N CYS F 22 -36.22 0.46 -7.15
CA CYS F 22 -35.57 1.37 -8.08
C CYS F 22 -36.67 2.04 -8.89
N SER F 23 -36.84 3.34 -8.70
CA SER F 23 -37.94 4.08 -9.32
C SER F 23 -37.41 4.90 -10.49
N GLY F 24 -37.99 4.67 -11.67
CA GLY F 24 -37.66 5.44 -12.86
C GLY F 24 -38.82 5.56 -13.82
N ASP F 25 -39.01 6.74 -14.40
CA ASP F 25 -40.18 6.99 -15.25
C ASP F 25 -40.17 6.18 -16.54
N ALA F 26 -39.01 5.72 -16.99
CA ALA F 26 -38.91 5.01 -18.27
C ALA F 26 -38.90 3.50 -18.13
N LEU F 27 -38.99 2.99 -16.90
CA LEU F 27 -38.96 1.55 -16.70
C LEU F 27 -40.09 0.78 -17.37
N PRO F 28 -41.28 1.33 -17.61
CA PRO F 28 -42.28 0.58 -18.40
C PRO F 28 -41.80 0.24 -19.80
N LYS F 29 -40.85 1.00 -20.36
CA LYS F 29 -40.36 0.77 -21.71
C LYS F 29 -38.94 0.23 -21.78
N LYS F 30 -38.16 0.34 -20.70
CA LYS F 30 -36.74 0.00 -20.77
C LYS F 30 -36.35 -0.97 -19.67
N TYR F 31 -35.51 -1.94 -20.01
CA TYR F 31 -35.07 -2.96 -19.07
C TYR F 31 -34.24 -2.36 -17.95
N ALA F 32 -34.34 -2.97 -16.78
CA ALA F 32 -33.52 -2.62 -15.63
C ALA F 32 -32.43 -3.67 -15.43
N TYR F 33 -31.23 -3.21 -15.08
CA TYR F 33 -30.13 -4.07 -14.71
C TYR F 33 -29.76 -3.80 -13.26
N TRP F 34 -29.24 -4.82 -12.58
CA TRP F 34 -28.85 -4.70 -11.19
C TRP F 34 -27.39 -5.08 -11.03
N TYR F 35 -26.64 -4.26 -10.29
CA TYR F 35 -25.22 -4.48 -10.05
C TYR F 35 -24.94 -4.52 -8.54
N GLN F 36 -24.05 -5.42 -8.15
CA GLN F 36 -23.57 -5.52 -6.78
C GLN F 36 -22.13 -5.02 -6.73
N GLN F 37 -21.81 -4.21 -5.72
CA GLN F 37 -20.46 -3.65 -5.60
C GLN F 37 -19.99 -3.74 -4.16
N LYS F 38 -18.85 -4.39 -3.96
CA LYS F 38 -18.20 -4.48 -2.66
C LYS F 38 -17.01 -3.54 -2.61
N SER F 39 -16.59 -3.22 -1.38
CA SER F 39 -15.54 -2.24 -1.16
C SER F 39 -14.26 -2.58 -1.93
N GLY F 40 -13.76 -1.60 -2.68
CA GLY F 40 -12.53 -1.75 -3.44
C GLY F 40 -12.63 -2.60 -4.68
N GLN F 41 -13.85 -2.93 -5.13
N GLN F 41 -13.84 -2.94 -5.13
CA GLN F 41 -14.03 -3.81 -6.28
CA GLN F 41 -14.04 -3.80 -6.28
C GLN F 41 -14.92 -3.13 -7.32
C GLN F 41 -14.89 -3.10 -7.33
N ALA F 42 -14.81 -3.60 -8.56
CA ALA F 42 -15.69 -3.16 -9.63
C ALA F 42 -17.08 -3.75 -9.42
N PRO F 43 -18.10 -3.12 -10.00
CA PRO F 43 -19.45 -3.68 -9.90
C PRO F 43 -19.54 -5.05 -10.56
N VAL F 44 -20.50 -5.84 -10.10
CA VAL F 44 -20.75 -7.19 -10.61
C VAL F 44 -22.22 -7.31 -10.96
N LEU F 45 -22.52 -7.75 -12.17
CA LEU F 45 -23.90 -7.94 -12.59
C LEU F 45 -24.56 -9.06 -11.79
N VAL F 46 -25.74 -8.77 -11.21
CA VAL F 46 -26.52 -9.80 -10.57
C VAL F 46 -27.88 -10.03 -11.22
N ILE F 47 -28.41 -9.06 -11.97
CA ILE F 47 -29.64 -9.23 -12.74
C ILE F 47 -29.50 -8.42 -14.03
N HIS F 48 -29.88 -9.03 -15.16
CA HIS F 48 -29.97 -8.29 -16.41
C HIS F 48 -31.37 -8.44 -17.00
N GLU F 49 -31.78 -7.42 -17.74
CA GLU F 49 -33.05 -7.41 -18.47
C GLU F 49 -34.24 -7.71 -17.55
N ASP F 50 -34.34 -6.89 -16.49
CA ASP F 50 -35.42 -6.95 -15.51
C ASP F 50 -35.37 -8.16 -14.58
N ASP F 51 -35.36 -9.37 -15.12
CA ASP F 51 -35.51 -10.55 -14.27
C ASP F 51 -34.58 -11.70 -14.61
N LYS F 52 -33.63 -11.54 -15.52
CA LYS F 52 -32.78 -12.64 -15.94
C LYS F 52 -31.56 -12.76 -15.03
N ARG F 53 -31.28 -13.98 -14.57
CA ARG F 53 -30.22 -14.24 -13.62
C ARG F 53 -28.97 -14.72 -14.35
N PRO F 54 -27.83 -14.05 -14.19
CA PRO F 54 -26.60 -14.53 -14.85
C PRO F 54 -26.19 -15.89 -14.33
N SER F 55 -25.41 -16.60 -15.15
CA SER F 55 -25.10 -18.01 -14.90
C SER F 55 -24.43 -18.23 -13.55
N GLY F 56 -23.62 -17.28 -13.09
CA GLY F 56 -22.87 -17.44 -11.87
C GLY F 56 -23.49 -16.87 -10.62
N ILE F 57 -24.72 -16.37 -10.69
CA ILE F 57 -25.36 -15.67 -9.57
C ILE F 57 -26.27 -16.68 -8.85
N PRO F 58 -26.20 -16.77 -7.52
CA PRO F 58 -27.03 -17.78 -6.82
C PRO F 58 -28.52 -17.55 -7.05
N GLY F 59 -29.28 -18.66 -6.95
CA GLY F 59 -30.69 -18.64 -7.23
C GLY F 59 -31.53 -17.80 -6.29
N ARG F 60 -30.98 -17.45 -5.13
CA ARG F 60 -31.70 -16.59 -4.20
C ARG F 60 -31.83 -15.16 -4.70
N PHE F 61 -31.10 -14.78 -5.74
CA PHE F 61 -31.26 -13.48 -6.38
C PHE F 61 -32.35 -13.56 -7.44
N SER F 62 -33.33 -12.67 -7.34
CA SER F 62 -34.34 -12.51 -8.37
C SER F 62 -34.74 -11.04 -8.42
N ALA F 63 -35.47 -10.68 -9.47
CA ALA F 63 -35.88 -9.29 -9.62
C ALA F 63 -37.09 -9.23 -10.53
N SER F 64 -37.78 -8.09 -10.48
CA SER F 64 -38.93 -7.86 -11.33
C SER F 64 -39.07 -6.36 -11.57
N SER F 65 -39.93 -6.00 -12.52
CA SER F 65 -40.20 -4.62 -12.85
C SER F 65 -41.68 -4.48 -13.15
N SER F 66 -42.35 -3.52 -12.49
CA SER F 66 -43.76 -3.27 -12.74
C SER F 66 -44.00 -1.77 -12.57
N GLY F 67 -44.65 -1.16 -13.55
CA GLY F 67 -44.81 0.27 -13.53
C GLY F 67 -43.46 0.96 -13.60
N THR F 68 -43.30 1.99 -12.76
CA THR F 68 -42.06 2.75 -12.70
C THR F 68 -41.14 2.28 -11.58
N THR F 69 -41.31 1.05 -11.11
CA THR F 69 -40.54 0.53 -9.98
C THR F 69 -39.97 -0.84 -10.34
N ALA F 70 -38.64 -0.96 -10.27
CA ALA F 70 -37.95 -2.23 -10.37
C ALA F 70 -37.49 -2.66 -8.99
N THR F 71 -37.66 -3.94 -8.68
CA THR F 71 -37.36 -4.46 -7.36
C THR F 71 -36.39 -5.62 -7.45
N LEU F 72 -35.26 -5.51 -6.76
CA LEU F 72 -34.34 -6.62 -6.58
C LEU F 72 -34.68 -7.33 -5.27
N THR F 73 -34.90 -8.64 -5.35
CA THR F 73 -35.22 -9.46 -4.19
C THR F 73 -34.09 -10.45 -3.94
N ILE F 74 -33.59 -10.47 -2.71
CA ILE F 74 -32.58 -11.43 -2.28
C ILE F 74 -33.21 -12.29 -1.20
N SER F 75 -33.68 -13.47 -1.58
CA SER F 75 -34.23 -14.40 -0.60
C SER F 75 -33.11 -14.99 0.24
N GLY F 76 -33.43 -15.35 1.49
CA GLY F 76 -32.48 -15.96 2.39
C GLY F 76 -31.13 -15.27 2.39
N ALA F 77 -31.12 -13.98 2.67
CA ALA F 77 -29.91 -13.18 2.53
C ALA F 77 -28.78 -13.74 3.38
N GLN F 78 -27.58 -13.73 2.82
CA GLN F 78 -26.38 -14.21 3.50
C GLN F 78 -25.38 -13.07 3.64
N VAL F 79 -24.39 -13.29 4.50
CA VAL F 79 -23.36 -12.28 4.76
C VAL F 79 -22.62 -11.91 3.48
N GLU F 80 -22.49 -12.87 2.55
CA GLU F 80 -21.82 -12.59 1.28
C GLU F 80 -22.60 -11.61 0.42
N ASP F 81 -23.88 -11.40 0.72
CA ASP F 81 -24.72 -10.45 -0.02
C ASP F 81 -24.57 -9.02 0.46
N GLU F 82 -23.87 -8.79 1.56
CA GLU F 82 -23.66 -7.43 2.04
C GLU F 82 -22.81 -6.65 1.03
N ALA F 83 -23.39 -5.57 0.49
CA ALA F 83 -22.74 -4.76 -0.53
C ALA F 83 -23.60 -3.56 -0.89
N ASP F 84 -23.10 -2.71 -1.77
CA ASP F 84 -23.92 -1.67 -2.40
C ASP F 84 -24.56 -2.23 -3.65
N TYR F 85 -25.81 -1.84 -3.89
CA TYR F 85 -26.57 -2.32 -5.05
C TYR F 85 -27.05 -1.13 -5.87
N TYR F 86 -26.85 -1.21 -7.18
CA TYR F 86 -27.24 -0.15 -8.12
C TYR F 86 -28.14 -0.73 -9.19
N CYS F 87 -29.28 -0.08 -9.43
CA CYS F 87 -30.00 -0.37 -10.64
C CYS F 87 -29.42 0.45 -11.79
N TYR F 88 -29.79 0.06 -13.02
CA TYR F 88 -29.20 0.67 -14.21
C TYR F 88 -30.17 0.53 -15.36
N SER F 89 -30.39 1.61 -16.09
CA SER F 89 -31.36 1.60 -17.19
C SER F 89 -31.15 2.84 -18.05
N THR F 90 -32.09 3.09 -18.96
N THR F 90 -32.13 3.13 -18.89
CA THR F 90 -32.05 4.25 -19.84
CA THR F 90 -32.05 4.23 -19.85
C THR F 90 -33.45 4.85 -19.90
C THR F 90 -33.45 4.78 -20.06
N ASP F 91 -33.54 6.04 -20.48
CA ASP F 91 -34.82 6.65 -20.80
C ASP F 91 -35.07 6.54 -22.30
N THR F 92 -36.18 7.13 -22.76
CA THR F 92 -36.55 7.03 -24.16
C THR F 92 -35.72 7.92 -25.08
N ASN F 93 -34.81 8.73 -24.53
CA ASN F 93 -33.87 9.51 -25.33
C ASN F 93 -32.44 9.01 -25.19
N ASP F 94 -32.27 7.74 -24.81
CA ASP F 94 -30.97 7.08 -24.71
C ASP F 94 -30.06 7.72 -23.67
N ASN F 95 -30.64 8.28 -22.61
CA ASN F 95 -29.86 8.77 -21.47
C ASN F 95 -29.71 7.62 -20.47
N HIS F 96 -28.51 7.04 -20.41
CA HIS F 96 -28.24 5.97 -19.45
C HIS F 96 -28.02 6.56 -18.06
N ALA F 97 -28.35 5.77 -17.04
CA ALA F 97 -28.14 6.21 -15.66
C ALA F 97 -28.07 5.01 -14.74
N PHE F 98 -27.22 5.10 -13.73
CA PHE F 98 -27.26 4.22 -12.57
C PHE F 98 -28.13 4.83 -11.49
N GLY F 99 -28.72 3.98 -10.65
CA GLY F 99 -29.51 4.47 -9.55
C GLY F 99 -28.66 5.12 -8.47
N SER F 100 -29.36 5.75 -7.51
CA SER F 100 -28.67 6.45 -6.42
C SER F 100 -27.91 5.50 -5.52
N GLY F 101 -28.22 4.21 -5.55
CA GLY F 101 -27.47 3.19 -4.80
C GLY F 101 -28.07 2.88 -3.46
N THR F 102 -27.93 1.62 -3.04
CA THR F 102 -28.47 1.13 -1.77
C THR F 102 -27.40 0.32 -1.05
N LYS F 103 -27.08 0.72 0.18
CA LYS F 103 -26.19 -0.06 1.03
C LYS F 103 -27.01 -1.13 1.73
N LEU F 104 -26.77 -2.39 1.37
CA LEU F 104 -27.44 -3.51 2.02
C LEU F 104 -26.59 -4.01 3.18
N THR F 105 -27.12 -3.90 4.39
CA THR F 105 -26.48 -4.47 5.56
C THR F 105 -27.18 -5.80 5.89
N VAL F 106 -26.38 -6.85 5.98
CA VAL F 106 -26.85 -8.14 6.49
C VAL F 106 -26.43 -8.18 7.95
N LEU F 107 -27.42 -8.08 8.85
CA LEU F 107 -27.15 -7.82 10.26
C LEU F 107 -26.24 -8.90 10.84
N SER F 108 -25.12 -8.47 11.42
CA SER F 108 -24.14 -9.36 12.02
C SER F 108 -23.88 -9.07 13.49
N GLN F 109 -24.56 -8.10 14.09
CA GLN F 109 -24.35 -7.72 15.48
C GLN F 109 -25.49 -6.80 15.90
N PRO F 110 -25.66 -6.53 17.19
CA PRO F 110 -26.76 -5.64 17.61
C PRO F 110 -26.55 -4.20 17.15
N LYS F 111 -27.65 -3.47 17.07
CA LYS F 111 -27.60 -2.05 16.77
C LYS F 111 -26.77 -1.32 17.80
N ALA F 112 -25.88 -0.44 17.34
CA ALA F 112 -25.02 0.35 18.20
C ALA F 112 -25.17 1.83 17.86
N ASN F 113 -25.48 2.63 18.87
CA ASN F 113 -25.67 4.06 18.65
C ASN F 113 -24.32 4.76 18.56
N PRO F 114 -24.21 5.80 17.73
CA PRO F 114 -22.92 6.46 17.55
C PRO F 114 -22.54 7.30 18.76
N THR F 115 -21.25 7.32 19.05
CA THR F 115 -20.66 8.26 20.00
C THR F 115 -20.05 9.39 19.20
N VAL F 116 -20.46 10.63 19.50
CA VAL F 116 -20.05 11.79 18.73
C VAL F 116 -19.18 12.69 19.61
N THR F 117 -18.01 13.03 19.10
CA THR F 117 -17.10 13.98 19.74
C THR F 117 -16.78 15.08 18.75
N LEU F 118 -17.00 16.32 19.15
CA LEU F 118 -16.76 17.47 18.29
C LEU F 118 -15.58 18.25 18.84
N PHE F 119 -14.49 18.30 18.08
CA PHE F 119 -13.30 19.02 18.50
C PHE F 119 -13.29 20.40 17.88
N PRO F 120 -13.12 21.46 18.66
CA PRO F 120 -12.94 22.80 18.10
C PRO F 120 -11.57 22.92 17.47
N PRO F 121 -11.29 23.99 16.73
CA PRO F 121 -9.94 24.19 16.20
C PRO F 121 -8.93 24.22 17.34
N SER F 122 -7.80 23.53 17.13
CA SER F 122 -6.75 23.54 18.12
C SER F 122 -6.09 24.91 18.18
N SER F 123 -5.45 25.19 19.31
CA SER F 123 -4.69 26.43 19.44
C SER F 123 -3.57 26.48 18.41
N GLU F 124 -2.93 25.33 18.16
N GLU F 124 -2.95 25.33 18.12
CA GLU F 124 -1.84 25.28 17.19
CA GLU F 124 -1.83 25.33 17.20
C GLU F 124 -2.32 25.61 15.79
C GLU F 124 -2.27 25.53 15.75
N GLU F 125 -3.47 25.08 15.39
CA GLU F 125 -3.96 25.34 14.04
C GLU F 125 -4.32 26.80 13.87
N LEU F 126 -4.93 27.41 14.90
CA LEU F 126 -5.22 28.84 14.85
C LEU F 126 -3.94 29.65 14.73
N GLN F 127 -2.89 29.22 15.44
CA GLN F 127 -1.59 29.89 15.31
C GLN F 127 -1.08 29.83 13.88
N ALA F 128 -1.39 28.75 13.16
CA ALA F 128 -1.07 28.62 11.74
C ALA F 128 -2.12 29.28 10.84
N ASN F 129 -2.95 30.15 11.40
CA ASN F 129 -3.94 30.93 10.65
C ASN F 129 -4.92 30.01 9.90
N LYS F 130 -5.31 28.92 10.54
CA LYS F 130 -6.30 28.02 9.99
C LYS F 130 -7.18 27.52 11.12
N ALA F 131 -8.32 26.92 10.75
CA ALA F 131 -9.27 26.45 11.76
C ALA F 131 -10.09 25.31 11.16
N THR F 132 -10.08 24.16 11.83
CA THR F 132 -10.83 22.99 11.40
C THR F 132 -11.61 22.44 12.60
N LEU F 133 -12.92 22.31 12.45
CA LEU F 133 -13.72 21.57 13.41
C LEU F 133 -13.76 20.11 12.98
N VAL F 134 -13.52 19.21 13.93
CA VAL F 134 -13.41 17.78 13.64
C VAL F 134 -14.52 17.07 14.41
N CYS F 135 -15.42 16.44 13.67
CA CYS F 135 -16.53 15.67 14.25
C CYS F 135 -16.22 14.19 14.12
N LEU F 136 -15.94 13.54 15.24
CA LEU F 136 -15.62 12.13 15.29
C LEU F 136 -16.86 11.33 15.65
N ILE F 137 -17.20 10.34 14.82
CA ILE F 137 -18.37 9.50 15.01
C ILE F 137 -17.88 8.06 15.05
N SER F 138 -18.12 7.37 16.15
CA SER F 138 -17.53 6.05 16.35
C SER F 138 -18.53 5.10 16.99
N ASP F 139 -18.21 3.81 16.85
CA ASP F 139 -18.90 2.71 17.54
C ASP F 139 -20.39 2.65 17.19
N PHE F 140 -20.73 2.83 15.92
CA PHE F 140 -22.12 2.70 15.50
C PHE F 140 -22.29 1.52 14.54
N TYR F 141 -23.49 0.94 14.57
CA TYR F 141 -23.87 -0.18 13.72
C TYR F 141 -25.37 -0.13 13.53
N PRO F 142 -25.88 -0.30 12.28
CA PRO F 142 -25.15 -0.51 11.03
C PRO F 142 -24.30 0.69 10.58
N GLY F 143 -23.50 0.46 9.54
CA GLY F 143 -22.56 1.47 9.06
C GLY F 143 -23.15 2.46 8.09
N ALA F 144 -24.29 3.04 8.45
CA ALA F 144 -24.98 4.02 7.61
C ALA F 144 -25.27 5.24 8.48
N VAL F 145 -24.69 6.37 8.12
CA VAL F 145 -24.87 7.60 8.88
C VAL F 145 -24.96 8.78 7.93
N THR F 146 -25.68 9.82 8.36
CA THR F 146 -25.71 11.09 7.66
C THR F 146 -25.24 12.19 8.60
N VAL F 147 -24.42 13.10 8.09
CA VAL F 147 -23.80 14.14 8.88
C VAL F 147 -24.21 15.49 8.32
N ALA F 148 -24.64 16.40 9.21
CA ALA F 148 -24.99 17.76 8.83
C ALA F 148 -24.31 18.73 9.80
N TRP F 149 -23.88 19.86 9.27
CA TRP F 149 -23.20 20.89 10.05
C TRP F 149 -24.07 22.13 10.14
N LYS F 150 -24.07 22.77 11.31
CA LYS F 150 -24.80 24.00 11.52
C LYS F 150 -23.87 25.04 12.17
N ALA F 151 -24.00 26.28 11.73
CA ALA F 151 -23.38 27.43 12.39
C ALA F 151 -24.48 28.42 12.77
N ASP F 152 -24.61 28.69 14.07
CA ASP F 152 -25.63 29.62 14.58
C ASP F 152 -27.03 29.22 14.11
N SER F 153 -27.31 27.93 14.16
CA SER F 153 -28.59 27.35 13.74
C SER F 153 -28.82 27.46 12.24
N SER F 154 -27.78 27.78 11.47
CA SER F 154 -27.88 27.85 10.02
C SER F 154 -27.17 26.66 9.40
N PRO F 155 -27.80 25.95 8.46
CA PRO F 155 -27.10 24.84 7.80
C PRO F 155 -25.90 25.33 7.03
N VAL F 156 -24.81 24.59 7.11
CA VAL F 156 -23.54 24.93 6.49
C VAL F 156 -23.15 23.81 5.54
N LYS F 157 -23.09 24.12 4.24
CA LYS F 157 -22.61 23.18 3.24
C LYS F 157 -21.17 23.45 2.81
N ALA F 158 -20.72 24.70 2.85
CA ALA F 158 -19.40 25.05 2.37
C ALA F 158 -18.32 24.66 3.37
N GLY F 159 -17.23 24.08 2.86
CA GLY F 159 -16.10 23.73 3.68
C GLY F 159 -16.25 22.45 4.46
N VAL F 160 -17.18 21.58 4.07
CA VAL F 160 -17.45 20.33 4.78
C VAL F 160 -16.91 19.17 3.95
N GLU F 161 -16.18 18.28 4.60
CA GLU F 161 -15.73 17.02 4.00
C GLU F 161 -16.02 15.90 4.99
N THR F 162 -16.57 14.80 4.49
CA THR F 162 -16.97 13.69 5.34
C THR F 162 -16.48 12.37 4.75
N THR F 163 -15.95 11.51 5.62
CA THR F 163 -15.51 10.19 5.19
C THR F 163 -16.68 9.20 5.22
N THR F 164 -16.63 8.25 4.30
CA THR F 164 -17.59 7.16 4.31
C THR F 164 -17.28 6.24 5.48
N PRO F 165 -18.31 5.75 6.19
CA PRO F 165 -18.07 4.93 7.39
C PRO F 165 -17.07 3.81 7.13
N SER F 166 -16.09 3.71 8.01
CA SER F 166 -15.03 2.72 7.95
C SER F 166 -15.14 1.76 9.14
N LYS F 167 -14.86 0.49 8.88
CA LYS F 167 -14.99 -0.52 9.93
C LYS F 167 -13.88 -0.36 10.96
N GLN F 168 -14.27 -0.36 12.23
CA GLN F 168 -13.30 -0.33 13.32
C GLN F 168 -12.75 -1.73 13.58
N SER F 169 -11.71 -1.79 14.41
CA SER F 169 -11.14 -3.09 14.76
C SER F 169 -12.13 -3.95 15.54
N ASN F 170 -13.04 -3.32 16.30
CA ASN F 170 -14.07 -4.05 17.03
C ASN F 170 -15.27 -4.42 16.17
N ASN F 171 -15.22 -4.13 14.86
CA ASN F 171 -16.21 -4.47 13.83
C ASN F 171 -17.39 -3.52 13.81
N LYS F 172 -17.46 -2.54 14.71
CA LYS F 172 -18.41 -1.46 14.52
C LYS F 172 -17.85 -0.46 13.52
N TYR F 173 -18.59 0.60 13.24
CA TYR F 173 -18.19 1.57 12.24
C TYR F 173 -17.85 2.92 12.86
N ALA F 174 -16.99 3.65 12.16
CA ALA F 174 -16.62 5.02 12.53
C ALA F 174 -16.68 5.90 11.29
N ALA F 175 -16.91 7.18 11.52
CA ALA F 175 -16.88 8.17 10.45
C ALA F 175 -16.34 9.48 11.01
N SER F 176 -15.88 10.33 10.12
CA SER F 176 -15.30 11.61 10.48
C SER F 176 -15.79 12.69 9.54
N SER F 177 -15.95 13.89 10.07
CA SER F 177 -16.40 15.02 9.27
C SER F 177 -15.62 16.26 9.70
N TYR F 178 -15.29 17.10 8.74
CA TYR F 178 -14.48 18.29 8.99
C TYR F 178 -15.20 19.51 8.45
N LEU F 179 -15.23 20.57 9.25
CA LEU F 179 -15.68 21.88 8.80
C LEU F 179 -14.46 22.80 8.80
N SER F 180 -14.04 23.22 7.62
CA SER F 180 -12.85 24.05 7.45
C SER F 180 -13.27 25.51 7.31
N LEU F 181 -12.76 26.36 8.19
CA LEU F 181 -13.04 27.79 8.16
C LEU F 181 -11.77 28.56 8.47
N THR F 182 -11.82 29.87 8.25
CA THR F 182 -10.75 30.75 8.69
C THR F 182 -10.88 31.05 10.17
N PRO F 183 -9.77 31.45 10.82
CA PRO F 183 -9.89 31.85 12.23
C PRO F 183 -10.89 32.97 12.45
N GLU F 184 -11.00 33.92 11.51
CA GLU F 184 -11.98 34.98 11.64
C GLU F 184 -13.39 34.43 11.56
N GLN F 185 -13.64 33.48 10.64
CA GLN F 185 -14.94 32.84 10.56
C GLN F 185 -15.28 32.10 11.86
N TRP F 186 -14.30 31.36 12.39
CA TRP F 186 -14.49 30.63 13.63
C TRP F 186 -14.91 31.55 14.78
N LYS F 187 -14.23 32.69 14.92
CA LYS F 187 -14.49 33.59 16.04
C LYS F 187 -15.80 34.35 15.88
N SER F 188 -16.28 34.54 14.66
CA SER F 188 -17.41 35.43 14.39
C SER F 188 -18.77 34.72 14.45
N HIS F 189 -18.83 33.51 15.00
CA HIS F 189 -20.10 32.82 15.16
C HIS F 189 -20.25 32.32 16.60
N ARG F 190 -21.50 32.30 17.07
CA ARG F 190 -21.76 31.95 18.46
C ARG F 190 -21.51 30.47 18.73
N SER F 191 -21.96 29.59 17.84
CA SER F 191 -21.86 28.16 18.08
C SER F 191 -21.75 27.42 16.76
N TYR F 192 -21.25 26.19 16.84
CA TYR F 192 -21.19 25.28 15.71
C TYR F 192 -21.67 23.92 16.18
N SER F 193 -22.41 23.22 15.34
CA SER F 193 -23.01 21.94 15.70
CA SER F 193 -23.00 21.94 15.70
C SER F 193 -22.72 20.90 14.62
N CYS F 194 -22.48 19.67 15.07
CA CYS F 194 -22.35 18.51 14.19
C CYS F 194 -23.54 17.60 14.49
N GLN F 195 -24.38 17.37 13.50
CA GLN F 195 -25.60 16.60 13.67
C GLN F 195 -25.45 15.25 12.98
N VAL F 196 -25.58 14.18 13.76
CA VAL F 196 -25.37 12.82 13.27
C VAL F 196 -26.68 12.06 13.42
N THR F 197 -27.23 11.60 12.31
CA THR F 197 -28.45 10.80 12.31
C THR F 197 -28.09 9.36 11.95
N HIS F 198 -28.53 8.42 12.79
CA HIS F 198 -28.23 7.01 12.61
C HIS F 198 -29.45 6.21 12.99
N GLU F 199 -29.97 5.42 12.05
CA GLU F 199 -31.17 4.60 12.25
C GLU F 199 -32.33 5.44 12.78
N GLY F 200 -32.51 6.62 12.19
CA GLY F 200 -33.63 7.47 12.50
C GLY F 200 -33.51 8.26 13.79
N SER F 201 -32.35 8.31 14.41
CA SER F 201 -32.14 9.09 15.63
C SER F 201 -30.96 10.02 15.44
N THR F 202 -31.15 11.29 15.81
CA THR F 202 -30.15 12.31 15.58
C THR F 202 -29.43 12.65 16.88
N VAL F 203 -28.11 12.62 16.84
CA VAL F 203 -27.26 13.04 17.94
C VAL F 203 -26.59 14.35 17.53
N GLU F 204 -26.51 15.29 18.47
CA GLU F 204 -25.94 16.60 18.18
C GLU F 204 -24.91 16.96 19.23
N LYS F 205 -23.77 17.49 18.76
CA LYS F 205 -22.74 18.04 19.63
C LYS F 205 -22.41 19.45 19.18
N THR F 206 -22.18 20.33 20.15
CA THR F 206 -22.00 21.76 19.87
C THR F 206 -20.74 22.26 20.57
N VAL F 207 -20.02 23.15 19.90
CA VAL F 207 -18.89 23.85 20.49
C VAL F 207 -19.10 25.35 20.29
N ALA F 208 -18.50 26.14 21.18
CA ALA F 208 -18.62 27.58 21.14
C ALA F 208 -17.23 28.20 21.26
N PRO F 209 -16.89 29.19 20.41
CA PRO F 209 -15.58 29.83 20.53
C PRO F 209 -15.32 30.48 21.88
N THR F 210 -16.34 31.04 22.53
CA THR F 210 -16.12 31.66 23.83
C THR F 210 -15.91 30.62 24.92
N GLU F 211 -16.33 29.37 24.69
CA GLU F 211 -16.09 28.33 25.67
C GLU F 211 -14.60 28.03 25.73
N CYS F 212 -14.10 27.76 26.94
CA CYS F 212 -12.70 27.43 27.17
C CYS F 212 -11.79 28.59 26.76
#